data_8XWV
#
_entry.id   8XWV
#
_cell.length_a   1.00
_cell.length_b   1.00
_cell.length_c   1.00
_cell.angle_alpha   90.00
_cell.angle_beta   90.00
_cell.angle_gamma   90.00
#
_symmetry.space_group_name_H-M   'P 1'
#
loop_
_entity.id
_entity.type
_entity.pdbx_description
1 polymer 'Growth-regulated alpha protein'
2 polymer 'C-X-C chemokine receptor type 2'
3 polymer 'Guanine nucleotide-binding protein G(o) subunit alpha'
4 polymer 'Guanine nucleotide-binding protein G(I)/G(S)/G(T) subunit beta-1'
5 polymer 'Guanine nucleotide-binding protein G(I)/G(S)/G(O) subunit gamma-2'
6 polymer 'Antibody fragment ScFv16'
#
loop_
_entity_poly.entity_id
_entity_poly.type
_entity_poly.pdbx_seq_one_letter_code
_entity_poly.pdbx_strand_id
1 'polypeptide(L)' ASVATELRCQCLQTLQGIHPKNIQSVNVKSPGPHCAQTEVIATLKNGRKACLNPASPIVKKIIEKMLNSDKSN D,E
2 'polypeptide(L)'
;MGKTIIALSYIFCLVFADYKDDDDAANFTPVNGSSGNQSVRLVTSSSLEVLFQGPGSEDFNMESDSFEDFWKGEDLSNYS
YSSTLPPFLLDAAPCEPESLEINKYFVVIIYALVFLLSLLGNSLVMLVILYSRVGRSVTDVYLLNLALADLLFALTLPIW
AASKVNGWIFGTFLCKVVSLLKEVNFYSGILLLACISVDRYLAIVHATRTLTQKRYLVKFICLSIWGLSLLLALPVLLFR
RTVYSSNVSPACYEDMGNNTANWRMLLRILPQSFGFIVPLLIMLFCYGFTLRTLFKAHMGQKHRAMRVIFAVVLIFLLCW
LPYNLVLLADTLMRTQVIQETCERRNHIDRALDATEILGILHSCLNPLIYAFIGQKFRHGLLKILAIHGLISKDSLPKDS
RPSFVGSSSGHTSTTL
;
R
3 'polypeptide(L)'
;MGHHHHHHENLYFQGTLSAEERAALERSKAIEKNLKEDGISAAKDVKLLLLGADNSGKSTIVKQMKIIHGGSGGSGGTTG
IVETHFTFKNLHFRLFDVGGQRSERKKWIHCFEDVTAIIFCVDLSDYNRMHESLMLFDSICNNKFFIDTSIILFLNKKDL
FGEKIKKSPLTICFPEYTGPNTYEDAAAYIQAQFESKNRSPNKEIYCHMTCATDTNNAQVIFDAVTDIIIANNLRGCGLY
;
A
4 'polypeptide(L)'
;MHHHHHHGSSGSELDQLRQEAEQLKNQIRDARKACADATLSQITNNIDPVGRIQMRTRRTLRGHLAKIYAMHWGTDSRLL
VSASQDGKLIIWDSYTTNKVHAIPLRSSWVMTCAYAPSGNYVACGGLDNICSIYNLKTREGNVRVSRELAGHTGYLSCCR
FLDDNQIVTSSGDTTCALWDIETGQQTTTFTGHTGDVMSLSLAPDTRLFVSGACDASAKLWDVREGMCRQTFTGHESDIN
AICFFPNGNAFATGSDDATCRLFDLRADQELMTYSHDNIICGITSVSFSKSGRLLLAGYDDFNCNVWDALKADRAGVLAG
HDNRVSCLGVTDDGMAVATGSWDSFLKIWN
;
B
5 'polypeptide(L)' ASIAQARKLVEQLKMEANIDRIKVSKAAADLMAYCEAHAKEDPLLTPVPASENPFR G
6 'polypeptide(L)'
;DVQLVESGGGLVQPGGSRKLSCSASGFAFSSFGMHWVRQAPEKGLEWVAYISSGSGTIYYADTVKGRFTISRDDPKNTLF
LQMTSLRSEDTAMYYCVRSIYYYGSSPFDFWGQGTTLTVSSGGGGSGGGGSGGGGSDIVMTQATSSVPVTPGESVSISCR
SSKSLLHSNGNTYLYWFLQRPGQSPQLLIYRMSNLASGVPDRFSGSGSGTAFTLTISRLEAEDVGVYYCMQHLEYPLTFG
AGTKLELKGSLEVLFQ
;
H
#
# COMPACT_ATOMS: atom_id res chain seq x y z
N ALA A 1 9.75 50.84 26.10
CA ALA A 1 9.77 50.54 27.52
C ALA A 1 10.10 49.08 27.77
N SER A 2 10.01 48.67 29.04
CA SER A 2 10.30 47.29 29.39
C SER A 2 9.19 46.37 28.86
N VAL A 3 9.60 45.14 28.51
CA VAL A 3 8.69 44.12 28.01
C VAL A 3 8.80 42.90 28.92
N ALA A 4 7.67 42.45 29.44
CA ALA A 4 7.63 41.31 30.34
C ALA A 4 6.55 40.34 29.89
N THR A 5 6.90 39.05 29.80
CA THR A 5 5.93 38.01 29.49
C THR A 5 5.16 37.55 30.72
N GLU A 6 5.58 37.94 31.92
CA GLU A 6 4.88 37.62 33.15
C GLU A 6 4.53 38.92 33.87
N LEU A 7 3.27 39.05 34.27
CA LEU A 7 2.80 40.21 35.01
C LEU A 7 2.55 39.81 36.46
N ARG A 8 3.12 40.58 37.38
CA ARG A 8 3.00 40.31 38.80
C ARG A 8 2.51 41.57 39.52
N CYS A 9 1.99 41.36 40.73
CA CYS A 9 1.51 42.47 41.53
C CYS A 9 2.65 43.42 41.86
N GLN A 10 2.38 44.71 41.79
CA GLN A 10 3.40 45.73 41.99
C GLN A 10 3.65 46.05 43.46
N CYS A 11 2.90 45.44 44.37
CA CYS A 11 3.02 45.71 45.80
C CYS A 11 3.43 44.44 46.54
N LEU A 12 4.42 44.58 47.42
CA LEU A 12 4.89 43.48 48.26
C LEU A 12 4.52 43.65 49.72
N GLN A 13 4.83 44.81 50.30
CA GLN A 13 4.45 45.14 51.67
C GLN A 13 3.56 46.37 51.66
N THR A 14 2.67 46.45 52.65
CA THR A 14 1.70 47.53 52.74
C THR A 14 1.82 48.23 54.07
N LEU A 15 1.56 49.54 54.06
CA LEU A 15 1.58 50.36 55.27
C LEU A 15 0.16 50.62 55.76
N GLN A 16 0.06 50.93 57.05
CA GLN A 16 -1.23 51.19 57.68
C GLN A 16 -1.76 52.59 57.41
N GLY A 17 -0.92 53.50 56.92
CA GLY A 17 -1.36 54.86 56.64
C GLY A 17 -0.23 55.81 56.35
N ILE A 18 -0.56 56.98 55.81
CA ILE A 18 0.43 58.00 55.47
C ILE A 18 -0.17 59.38 55.69
N HIS A 19 0.70 60.37 55.87
CA HIS A 19 0.23 61.73 56.08
C HIS A 19 -0.33 62.29 54.78
N PRO A 20 -1.58 62.77 54.78
CA PRO A 20 -2.16 63.30 53.53
C PRO A 20 -1.40 64.47 52.94
N LYS A 21 -0.78 65.32 53.77
CA LYS A 21 -0.06 66.47 53.25
C LYS A 21 1.17 66.07 52.46
N ASN A 22 1.73 64.89 52.75
CA ASN A 22 2.91 64.41 52.04
C ASN A 22 2.56 63.57 50.81
N ILE A 23 1.27 63.42 50.49
CA ILE A 23 0.82 62.62 49.37
C ILE A 23 0.47 63.55 48.22
N GLN A 24 1.04 63.28 47.04
CA GLN A 24 0.79 64.07 45.85
C GLN A 24 -0.25 63.44 44.93
N SER A 25 -0.10 62.15 44.63
CA SER A 25 -1.07 61.46 43.78
C SER A 25 -1.22 60.02 44.27
N VAL A 26 -2.39 59.45 44.03
CA VAL A 26 -2.72 58.09 44.44
C VAL A 26 -3.31 57.36 43.24
N ASN A 27 -2.78 56.16 42.97
CA ASN A 27 -3.28 55.29 41.91
C ASN A 27 -3.88 54.05 42.53
N VAL A 28 -5.11 53.74 42.15
CA VAL A 28 -5.84 52.57 42.65
C VAL A 28 -6.08 51.62 41.49
N LYS A 29 -5.64 50.37 41.66
CA LYS A 29 -5.78 49.35 40.63
C LYS A 29 -6.69 48.25 41.14
N SER A 30 -7.76 47.97 40.41
CA SER A 30 -8.65 46.89 40.75
C SER A 30 -8.00 45.55 40.42
N PRO A 31 -8.40 44.48 41.11
CA PRO A 31 -7.90 43.15 40.76
C PRO A 31 -8.24 42.79 39.32
N GLY A 32 -7.29 42.14 38.65
CA GLY A 32 -7.47 41.77 37.27
C GLY A 32 -6.49 40.69 36.83
N PRO A 33 -6.14 40.70 35.55
CA PRO A 33 -5.21 39.67 35.04
C PRO A 33 -3.84 39.71 35.69
N HIS A 34 -3.36 40.89 36.08
CA HIS A 34 -2.01 41.04 36.59
C HIS A 34 -1.93 41.08 38.10
N CYS A 35 -3.06 41.00 38.81
CA CYS A 35 -3.03 41.01 40.27
C CYS A 35 -4.36 40.51 40.79
N ALA A 36 -4.30 39.55 41.73
CA ALA A 36 -5.51 39.04 42.37
C ALA A 36 -6.04 40.00 43.43
N GLN A 37 -5.17 40.80 44.03
CA GLN A 37 -5.54 41.70 45.11
C GLN A 37 -5.54 43.15 44.64
N THR A 38 -6.28 43.98 45.36
CA THR A 38 -6.31 45.40 45.05
C THR A 38 -5.02 46.08 45.50
N GLU A 39 -4.44 46.89 44.62
CA GLU A 39 -3.20 47.59 44.89
C GLU A 39 -3.44 49.09 44.81
N VAL A 40 -3.06 49.81 45.86
CA VAL A 40 -3.13 51.26 45.92
C VAL A 40 -1.73 51.80 46.12
N ILE A 41 -1.27 52.62 45.19
CA ILE A 41 0.08 53.17 45.21
C ILE A 41 -0.01 54.69 45.30
N ALA A 42 0.69 55.26 46.29
CA ALA A 42 0.68 56.69 46.53
C ALA A 42 2.05 57.27 46.20
N THR A 43 2.07 58.32 45.40
CA THR A 43 3.30 59.01 45.03
C THR A 43 3.44 60.23 45.94
N LEU A 44 4.51 60.25 46.74
CA LEU A 44 4.72 61.32 47.70
C LEU A 44 5.30 62.55 47.01
N LYS A 45 5.35 63.66 47.76
CA LYS A 45 5.85 64.91 47.22
C LYS A 45 7.35 64.89 46.98
N ASN A 46 8.07 63.94 47.58
CA ASN A 46 9.51 63.82 47.39
C ASN A 46 9.88 62.91 46.23
N GLY A 47 8.90 62.39 45.50
CA GLY A 47 9.15 61.50 44.40
C GLY A 47 9.12 60.02 44.74
N ARG A 48 9.04 59.67 46.02
CA ARG A 48 9.00 58.27 46.43
C ARG A 48 7.57 57.73 46.32
N LYS A 49 7.46 56.48 45.91
CA LYS A 49 6.19 55.79 45.80
C LYS A 49 6.03 54.82 46.96
N ALA A 50 4.87 54.85 47.61
CA ALA A 50 4.60 54.03 48.76
C ALA A 50 3.31 53.24 48.55
N CYS A 51 3.24 52.07 49.18
CA CYS A 51 2.07 51.22 49.11
C CYS A 51 1.10 51.55 50.23
N LEU A 52 -0.18 51.28 49.98
CA LEU A 52 -1.23 51.51 50.96
C LEU A 52 -2.14 50.30 51.03
N ASN A 53 -2.62 49.99 52.22
CA ASN A 53 -3.51 48.84 52.40
C ASN A 53 -4.93 49.21 52.02
N PRO A 54 -5.52 48.57 51.02
CA PRO A 54 -6.92 48.89 50.68
C PRO A 54 -7.90 48.61 51.81
N ALA A 55 -7.64 47.59 52.63
CA ALA A 55 -8.53 47.27 53.73
C ALA A 55 -8.48 48.28 54.86
N SER A 56 -7.46 49.13 54.89
CA SER A 56 -7.32 50.11 55.95
C SER A 56 -8.34 51.23 55.77
N PRO A 57 -9.20 51.50 56.76
CA PRO A 57 -10.13 52.63 56.63
C PRO A 57 -9.43 53.97 56.50
N ILE A 58 -8.22 54.09 57.04
CA ILE A 58 -7.47 55.34 56.93
C ILE A 58 -7.20 55.67 55.46
N VAL A 59 -6.87 54.65 54.67
CA VAL A 59 -6.61 54.87 53.25
C VAL A 59 -7.86 55.38 52.54
N LYS A 60 -9.02 54.78 52.84
CA LYS A 60 -10.26 55.23 52.21
C LYS A 60 -10.61 56.65 52.63
N LYS A 61 -10.40 56.98 53.92
CA LYS A 61 -10.65 58.34 54.39
C LYS A 61 -9.73 59.33 53.69
N ILE A 62 -8.46 58.98 53.51
CA ILE A 62 -7.52 59.85 52.81
C ILE A 62 -7.95 60.05 51.37
N ILE A 63 -8.38 58.97 50.70
CA ILE A 63 -8.82 59.08 49.32
C ILE A 63 -10.02 60.00 49.22
N GLU A 64 -10.98 59.86 50.15
CA GLU A 64 -12.13 60.76 50.17
C GLU A 64 -11.69 62.21 50.42
N LYS A 65 -10.66 62.40 51.25
CA LYS A 65 -10.18 63.74 51.54
C LYS A 65 -9.60 64.41 50.30
N MET A 66 -8.72 63.72 49.59
CA MET A 66 -8.18 64.30 48.36
C MET A 66 -9.22 64.37 47.24
N LEU A 67 -10.29 63.58 47.33
CA LEU A 67 -11.33 63.69 46.30
C LEU A 67 -12.25 64.89 46.51
N ASN A 68 -11.97 65.75 47.50
CA ASN A 68 -12.81 66.93 47.74
C ASN A 68 -12.76 67.90 46.57
N CYS B 9 -2.76 71.07 32.67
CA CYS B 9 -3.36 69.87 33.24
C CYS B 9 -3.77 68.89 32.15
N GLN B 10 -3.55 67.60 32.41
CA GLN B 10 -3.90 66.57 31.42
C GLN B 10 -5.41 66.46 31.25
N CYS B 11 -6.17 66.68 32.32
CA CYS B 11 -7.63 66.59 32.27
C CYS B 11 -8.20 67.97 31.96
N LEU B 12 -8.71 68.13 30.74
CA LEU B 12 -9.32 69.38 30.31
C LEU B 12 -10.84 69.30 30.28
N GLN B 13 -11.39 68.31 29.58
CA GLN B 13 -12.84 68.11 29.50
C GLN B 13 -13.16 66.75 30.11
N THR B 14 -13.57 66.75 31.37
CA THR B 14 -13.89 65.51 32.06
C THR B 14 -15.15 64.87 31.48
N LEU B 15 -15.11 63.55 31.33
CA LEU B 15 -16.26 62.83 30.81
C LEU B 15 -17.38 62.76 31.84
N GLN B 16 -18.60 62.68 31.35
CA GLN B 16 -19.79 62.63 32.20
C GLN B 16 -20.27 61.22 32.48
N GLY B 17 -19.67 60.21 31.84
CA GLY B 17 -20.10 58.84 32.05
C GLY B 17 -19.18 57.81 31.43
N ILE B 18 -18.83 56.78 32.20
CA ILE B 18 -18.00 55.68 31.72
C ILE B 18 -18.42 54.40 32.41
N HIS B 19 -18.24 53.28 31.73
CA HIS B 19 -18.63 52.00 32.29
C HIS B 19 -17.66 51.57 33.38
N PRO B 20 -18.12 51.32 34.61
CA PRO B 20 -17.17 50.90 35.66
C PRO B 20 -16.45 49.61 35.36
N LYS B 21 -17.08 48.67 34.66
CA LYS B 21 -16.44 47.38 34.39
C LYS B 21 -15.30 47.51 33.39
N ASN B 22 -15.36 48.50 32.50
CA ASN B 22 -14.32 48.70 31.49
C ASN B 22 -13.14 49.49 32.03
N ILE B 23 -13.18 49.94 33.27
CA ILE B 23 -12.09 50.72 33.86
C ILE B 23 -11.15 49.75 34.56
N GLN B 24 -9.86 49.80 34.19
CA GLN B 24 -8.87 48.90 34.76
C GLN B 24 -8.25 49.49 36.03
N SER B 25 -7.85 50.76 35.99
CA SER B 25 -7.26 51.41 37.15
C SER B 25 -7.62 52.88 37.12
N VAL B 26 -7.66 53.49 38.31
CA VAL B 26 -8.01 54.90 38.47
C VAL B 26 -6.84 55.59 39.17
N ASN B 27 -6.33 56.66 38.55
CA ASN B 27 -5.28 57.47 39.13
C ASN B 27 -5.83 58.86 39.42
N VAL B 28 -5.66 59.31 40.66
CA VAL B 28 -6.17 60.59 41.12
C VAL B 28 -5.00 61.52 41.39
N LYS B 29 -5.03 62.71 40.79
CA LYS B 29 -4.00 63.71 40.98
C LYS B 29 -4.46 64.72 42.04
N SER B 30 -3.65 65.77 42.20
CA SER B 30 -3.91 66.81 43.19
C SER B 30 -3.22 68.08 42.74
N PRO B 31 -3.60 69.23 43.27
CA PRO B 31 -2.91 70.48 42.92
C PRO B 31 -1.41 70.37 43.16
N GLY B 32 -0.64 70.88 42.21
CA GLY B 32 0.80 70.81 42.27
C GLY B 32 1.47 71.69 41.24
N PRO B 33 2.78 71.51 41.05
CA PRO B 33 3.51 72.33 40.07
C PRO B 33 3.00 72.17 38.65
N HIS B 34 2.55 70.98 38.27
CA HIS B 34 2.10 70.74 36.90
C HIS B 34 0.60 70.96 36.71
N CYS B 35 -0.15 71.15 37.79
CA CYS B 35 -1.60 71.36 37.69
C CYS B 35 -2.10 71.96 39.00
N ALA B 36 -2.93 72.99 38.91
CA ALA B 36 -3.46 73.66 40.08
C ALA B 36 -4.84 73.16 40.49
N GLN B 37 -5.35 72.12 39.83
CA GLN B 37 -6.66 71.58 40.14
C GLN B 37 -6.59 70.07 40.28
N THR B 38 -7.52 69.52 41.05
CA THR B 38 -7.57 68.07 41.24
C THR B 38 -8.02 67.40 39.95
N GLU B 39 -7.28 66.37 39.54
CA GLU B 39 -7.57 65.64 38.31
C GLU B 39 -7.64 64.16 38.60
N VAL B 40 -8.60 63.48 37.96
CA VAL B 40 -8.78 62.05 38.09
C VAL B 40 -8.67 61.44 36.70
N ILE B 41 -7.78 60.46 36.55
CA ILE B 41 -7.54 59.78 35.28
C ILE B 41 -7.84 58.30 35.47
N ALA B 42 -8.66 57.75 34.60
CA ALA B 42 -9.01 56.33 34.62
C ALA B 42 -8.49 55.67 33.36
N THR B 43 -7.78 54.56 33.52
CA THR B 43 -7.21 53.82 32.40
C THR B 43 -8.15 52.67 32.05
N LEU B 44 -8.68 52.71 30.82
CA LEU B 44 -9.61 51.69 30.37
C LEU B 44 -8.87 50.42 29.98
N LYS B 45 -9.63 49.33 29.85
CA LYS B 45 -9.04 48.05 29.49
C LYS B 45 -8.53 48.00 28.06
N ASN B 46 -8.90 48.95 27.21
CA ASN B 46 -8.47 48.98 25.82
C ASN B 46 -7.21 49.82 25.62
N GLY B 47 -6.61 50.34 26.69
CA GLY B 47 -5.42 51.14 26.59
C GLY B 47 -5.66 52.64 26.50
N ARG B 48 -6.89 53.06 26.23
CA ARG B 48 -7.19 54.47 26.17
C ARG B 48 -7.26 55.07 27.57
N LYS B 49 -7.03 56.38 27.65
CA LYS B 49 -7.06 57.12 28.91
C LYS B 49 -8.25 58.07 28.89
N ALA B 50 -8.98 58.12 30.00
CA ALA B 50 -10.14 58.98 30.13
C ALA B 50 -10.08 59.75 31.44
N CYS B 51 -10.70 60.93 31.45
CA CYS B 51 -10.73 61.80 32.61
C CYS B 51 -12.12 61.79 33.22
N LEU B 52 -12.20 61.61 34.54
CA LEU B 52 -13.45 61.58 35.26
C LEU B 52 -13.59 62.83 36.12
N ASN B 53 -14.85 63.23 36.35
CA ASN B 53 -15.12 64.42 37.14
C ASN B 53 -14.87 64.12 38.61
N PRO B 54 -13.95 64.81 39.28
CA PRO B 54 -13.74 64.56 40.71
C PRO B 54 -14.95 64.85 41.56
N ALA B 55 -15.78 65.82 41.17
CA ALA B 55 -16.96 66.17 41.94
C ALA B 55 -18.15 65.26 41.67
N SER B 56 -18.04 64.35 40.71
CA SER B 56 -19.15 63.46 40.39
C SER B 56 -19.33 62.42 41.48
N PRO B 57 -20.52 62.31 42.09
CA PRO B 57 -20.73 61.27 43.10
C PRO B 57 -20.56 59.86 42.56
N ILE B 58 -20.82 59.65 41.27
CA ILE B 58 -20.64 58.33 40.68
C ILE B 58 -19.18 57.92 40.73
N VAL B 59 -18.27 58.85 40.43
CA VAL B 59 -16.84 58.56 40.45
C VAL B 59 -16.40 58.14 41.85
N LYS B 60 -16.88 58.85 42.88
CA LYS B 60 -16.58 58.48 44.25
C LYS B 60 -17.15 57.11 44.58
N LYS B 61 -18.36 56.83 44.09
CA LYS B 61 -18.97 55.51 44.31
C LYS B 61 -18.15 54.42 43.62
N ILE B 62 -17.67 54.69 42.40
CA ILE B 62 -16.84 53.71 41.69
C ILE B 62 -15.56 53.44 42.45
N ILE B 63 -14.90 54.50 42.92
CA ILE B 63 -13.63 54.34 43.63
C ILE B 63 -13.82 53.50 44.89
N GLU B 64 -14.93 53.71 45.59
CA GLU B 64 -15.22 52.88 46.77
C GLU B 64 -15.40 51.42 46.37
N LYS B 65 -15.95 51.17 45.17
CA LYS B 65 -16.14 49.80 44.72
C LYS B 65 -14.82 49.09 44.51
N MET B 66 -13.84 49.76 43.90
CA MET B 66 -12.52 49.17 43.72
C MET B 66 -11.84 48.92 45.05
N LEU B 67 -11.93 49.88 45.97
CA LEU B 67 -11.30 49.74 47.28
C LEU B 67 -11.91 48.59 48.07
N ASN B 68 -13.23 48.44 48.02
CA ASN B 68 -13.94 47.42 48.78
C ASN B 68 -14.09 46.11 48.02
N SER B 69 -13.23 45.85 47.04
CA SER B 69 -13.29 44.62 46.26
C SER B 69 -12.77 43.44 47.08
N ASP C 91 9.41 51.48 54.39
CA ASP C 91 10.17 50.39 53.79
C ASP C 91 9.40 49.74 52.65
N ALA C 92 8.10 50.00 52.60
CA ALA C 92 7.24 49.44 51.56
C ALA C 92 7.34 50.29 50.30
N ALA C 93 7.93 49.74 49.25
CA ALA C 93 8.07 50.42 47.97
C ALA C 93 7.72 49.44 46.86
N PRO C 94 7.15 49.92 45.75
CA PRO C 94 6.86 49.02 44.64
C PRO C 94 8.12 48.41 44.06
N CYS C 95 8.01 47.16 43.62
CA CYS C 95 9.11 46.45 42.98
C CYS C 95 9.09 46.82 41.50
N GLU C 96 9.79 47.89 41.17
CA GLU C 96 9.83 48.37 39.79
C GLU C 96 10.56 47.36 38.91
N PRO C 97 10.06 47.07 37.71
CA PRO C 97 10.76 46.10 36.84
C PRO C 97 12.12 46.64 36.39
N GLU C 98 13.05 45.71 36.22
CA GLU C 98 14.39 46.03 35.73
C GLU C 98 14.57 45.43 34.35
N SER C 99 14.97 46.26 33.39
CA SER C 99 15.10 45.85 32.00
C SER C 99 16.43 46.33 31.43
N LEU C 100 16.98 45.55 30.51
CA LEU C 100 18.20 45.89 29.79
C LEU C 100 17.93 45.85 28.30
N GLU C 101 18.26 46.94 27.60
CA GLU C 101 18.00 47.02 26.17
C GLU C 101 18.96 46.17 25.35
N ILE C 102 20.07 45.73 25.94
CA ILE C 102 21.05 44.94 25.21
C ILE C 102 20.48 43.56 24.88
N ASN C 103 19.70 42.98 25.79
CA ASN C 103 19.27 41.60 25.64
C ASN C 103 18.36 41.42 24.42
N LYS C 104 17.43 42.34 24.20
CA LYS C 104 16.39 42.13 23.19
C LYS C 104 16.96 42.12 21.78
N TYR C 105 17.96 42.97 21.50
CA TYR C 105 18.50 43.05 20.16
C TYR C 105 19.34 41.83 19.81
N PHE C 106 19.96 41.17 20.79
CA PHE C 106 20.58 39.88 20.53
C PHE C 106 19.55 38.76 20.47
N VAL C 107 18.47 38.88 21.24
CA VAL C 107 17.42 37.86 21.23
C VAL C 107 16.77 37.79 19.85
N VAL C 108 16.50 38.95 19.24
CA VAL C 108 15.87 38.93 17.93
C VAL C 108 16.83 38.39 16.86
N ILE C 109 18.13 38.66 17.00
CA ILE C 109 19.11 38.08 16.09
C ILE C 109 19.09 36.55 16.21
N ILE C 110 19.05 36.06 17.44
CA ILE C 110 18.97 34.62 17.66
C ILE C 110 17.69 34.06 17.05
N TYR C 111 16.58 34.77 17.21
CA TYR C 111 15.30 34.33 16.66
C TYR C 111 15.37 34.22 15.14
N ALA C 112 15.94 35.23 14.48
CA ALA C 112 16.06 35.20 13.03
C ALA C 112 16.96 34.08 12.56
N LEU C 113 18.10 33.87 13.25
CA LEU C 113 18.99 32.78 12.88
C LEU C 113 18.29 31.43 13.03
N VAL C 114 17.55 31.24 14.12
CA VAL C 114 16.82 30.00 14.32
C VAL C 114 15.76 29.82 13.23
N PHE C 115 15.07 30.91 12.88
CA PHE C 115 14.06 30.84 11.82
C PHE C 115 14.69 30.34 10.52
N LEU C 116 15.78 30.97 10.09
CA LEU C 116 16.39 30.59 8.81
C LEU C 116 16.93 29.17 8.86
N LEU C 117 17.58 28.79 9.95
CA LEU C 117 18.16 27.45 10.03
C LEU C 117 17.07 26.38 10.03
N SER C 118 16.00 26.60 10.80
CA SER C 118 14.91 25.64 10.86
C SER C 118 14.21 25.54 9.52
N LEU C 119 13.98 26.67 8.84
CA LEU C 119 13.36 26.63 7.53
C LEU C 119 14.21 25.83 6.55
N LEU C 120 15.52 26.07 6.55
CA LEU C 120 16.41 25.33 5.66
C LEU C 120 16.34 23.83 5.94
N GLY C 121 16.52 23.45 7.21
CA GLY C 121 16.54 22.03 7.54
C GLY C 121 15.24 21.32 7.20
N ASN C 122 14.11 21.93 7.59
CA ASN C 122 12.83 21.31 7.30
C ASN C 122 12.58 21.24 5.80
N SER C 123 13.04 22.24 5.05
CA SER C 123 12.88 22.21 3.60
C SER C 123 13.61 21.03 3.00
N LEU C 124 14.87 20.84 3.38
CA LEU C 124 15.60 19.65 2.89
C LEU C 124 14.82 18.40 3.28
N VAL C 125 14.40 18.31 4.53
CA VAL C 125 13.76 17.09 5.02
C VAL C 125 12.55 16.71 4.16
N MET C 126 11.62 17.65 4.01
CA MET C 126 10.41 17.30 3.29
C MET C 126 10.68 17.13 1.79
N LEU C 127 11.61 17.91 1.23
CA LEU C 127 11.94 17.73 -0.18
C LEU C 127 12.50 16.34 -0.44
N VAL C 128 13.42 15.89 0.43
CA VAL C 128 14.02 14.59 0.25
C VAL C 128 12.98 13.49 0.38
N ILE C 129 12.10 13.57 1.38
CA ILE C 129 11.13 12.50 1.56
C ILE C 129 10.10 12.50 0.45
N LEU C 130 9.55 13.67 0.10
CA LEU C 130 8.45 13.75 -0.84
C LEU C 130 8.85 13.65 -2.30
N TYR C 131 10.13 13.82 -2.63
CA TYR C 131 10.52 13.70 -4.04
C TYR C 131 10.25 12.29 -4.56
N SER C 132 10.62 11.28 -3.78
CA SER C 132 10.45 9.88 -4.16
C SER C 132 9.40 9.24 -3.28
N ARG C 133 8.41 8.59 -3.91
CA ARG C 133 7.33 7.93 -3.20
C ARG C 133 7.63 6.45 -2.94
N VAL C 134 8.84 6.00 -3.24
CA VAL C 134 9.23 4.61 -2.98
C VAL C 134 9.79 4.52 -1.57
N GLY C 135 9.50 3.40 -0.90
CA GLY C 135 10.00 3.18 0.44
C GLY C 135 9.52 4.18 1.47
N ARG C 136 8.28 4.66 1.34
CA ARG C 136 7.73 5.61 2.30
C ARG C 136 7.34 4.84 3.56
N SER C 137 8.33 4.62 4.41
CA SER C 137 8.14 3.77 5.59
C SER C 137 7.41 4.54 6.68
N VAL C 138 7.23 3.87 7.83
CA VAL C 138 6.56 4.49 8.98
C VAL C 138 7.35 5.69 9.47
N THR C 139 8.67 5.53 9.61
CA THR C 139 9.51 6.63 10.07
C THR C 139 9.47 7.80 9.10
N ASP C 140 9.28 7.52 7.81
CA ASP C 140 9.13 8.61 6.84
C ASP C 140 7.88 9.44 7.13
N VAL C 141 6.76 8.78 7.45
CA VAL C 141 5.54 9.49 7.79
C VAL C 141 5.73 10.29 9.07
N TYR C 142 6.34 9.67 10.08
CA TYR C 142 6.58 10.38 11.33
C TYR C 142 7.46 11.60 11.11
N LEU C 143 8.49 11.47 10.27
CA LEU C 143 9.39 12.57 10.01
C LEU C 143 8.70 13.68 9.22
N LEU C 144 7.85 13.33 8.26
CA LEU C 144 7.03 14.34 7.59
C LEU C 144 6.20 15.13 8.59
N ASN C 145 5.49 14.44 9.47
CA ASN C 145 4.63 15.13 10.41
C ASN C 145 5.44 16.00 11.36
N LEU C 146 6.56 15.48 11.86
CA LEU C 146 7.40 16.25 12.79
C LEU C 146 8.00 17.46 12.10
N ALA C 147 8.46 17.31 10.85
CA ALA C 147 9.04 18.43 10.13
C ALA C 147 8.00 19.50 9.81
N LEU C 148 6.79 19.08 9.46
CA LEU C 148 5.72 20.05 9.23
C LEU C 148 5.38 20.80 10.51
N ALA C 149 5.32 20.09 11.63
CA ALA C 149 5.07 20.76 12.90
C ALA C 149 6.18 21.73 13.25
N ASP C 150 7.43 21.34 13.02
CA ASP C 150 8.56 22.23 13.31
C ASP C 150 8.54 23.47 12.43
N LEU C 151 8.22 23.31 11.14
CA LEU C 151 8.12 24.47 10.25
C LEU C 151 6.99 25.39 10.68
N LEU C 152 5.84 24.82 11.05
CA LEU C 152 4.74 25.66 11.50
C LEU C 152 5.09 26.41 12.78
N PHE C 153 5.82 25.75 13.68
CA PHE C 153 6.30 26.43 14.89
C PHE C 153 7.26 27.56 14.54
N ALA C 154 8.20 27.31 13.64
CA ALA C 154 9.18 28.32 13.27
C ALA C 154 8.57 29.47 12.48
N LEU C 155 7.43 29.24 11.84
CA LEU C 155 6.78 30.28 11.04
C LEU C 155 6.36 31.47 11.91
N THR C 156 6.16 31.25 13.21
CA THR C 156 5.70 32.30 14.11
C THR C 156 6.85 33.00 14.83
N LEU C 157 8.10 32.66 14.53
CA LEU C 157 9.23 33.23 15.26
C LEU C 157 9.36 34.75 15.08
N PRO C 158 9.32 35.31 13.86
CA PRO C 158 9.51 36.77 13.74
C PRO C 158 8.48 37.59 14.48
N ILE C 159 7.22 37.12 14.52
CA ILE C 159 6.18 37.85 15.24
C ILE C 159 6.52 37.93 16.73
N TRP C 160 6.98 36.80 17.29
CA TRP C 160 7.35 36.79 18.71
C TRP C 160 8.58 37.65 18.96
N ALA C 161 9.54 37.65 18.03
CA ALA C 161 10.70 38.52 18.18
C ALA C 161 10.30 40.00 18.17
N ALA C 162 9.40 40.37 17.25
CA ALA C 162 8.90 41.74 17.21
C ALA C 162 8.15 42.08 18.48
N SER C 163 7.38 41.15 19.01
CA SER C 163 6.67 41.39 20.27
C SER C 163 7.65 41.61 21.41
N LYS C 164 8.69 40.78 21.50
CA LYS C 164 9.71 40.97 22.52
C LYS C 164 10.48 42.26 22.34
N VAL C 165 10.53 42.80 21.13
CA VAL C 165 11.20 44.08 20.91
C VAL C 165 10.50 45.20 21.68
N ASN C 166 9.23 45.45 21.38
CA ASN C 166 8.50 46.59 21.93
C ASN C 166 7.07 46.23 22.29
N GLY C 167 6.85 45.06 22.88
CA GLY C 167 5.52 44.67 23.29
C GLY C 167 4.66 44.21 22.13
N TRP C 168 3.43 43.83 22.45
CA TRP C 168 2.47 43.38 21.44
C TRP C 168 1.69 44.58 20.95
N ILE C 169 1.96 45.00 19.71
CA ILE C 169 1.25 46.09 19.06
C ILE C 169 0.41 45.59 17.89
N PHE C 170 0.37 44.29 17.65
CA PHE C 170 -0.28 43.73 16.47
C PHE C 170 -1.76 43.45 16.66
N GLY C 171 -2.28 43.57 17.88
CA GLY C 171 -3.70 43.39 18.13
C GLY C 171 -4.02 42.06 18.81
N THR C 172 -5.29 41.95 19.22
CA THR C 172 -5.74 40.78 19.96
C THR C 172 -5.96 39.57 19.06
N PHE C 173 -6.44 39.79 17.83
CA PHE C 173 -6.72 38.68 16.94
C PHE C 173 -5.47 37.85 16.67
N LEU C 174 -4.36 38.53 16.34
CA LEU C 174 -3.10 37.82 16.19
C LEU C 174 -2.59 37.29 17.53
N CYS C 175 -2.81 38.03 18.61
CA CYS C 175 -2.44 37.56 19.95
C CYS C 175 -3.11 36.23 20.28
N LYS C 176 -4.24 35.93 19.66
CA LYS C 176 -4.88 34.64 19.80
C LYS C 176 -4.36 33.63 18.78
N VAL C 177 -4.34 34.02 17.51
CA VAL C 177 -4.04 33.06 16.44
C VAL C 177 -2.60 32.57 16.52
N VAL C 178 -1.64 33.49 16.65
CA VAL C 178 -0.24 33.10 16.69
C VAL C 178 0.05 32.24 17.91
N SER C 179 -0.52 32.62 19.06
CA SER C 179 -0.32 31.83 20.28
C SER C 179 -0.89 30.43 20.13
N LEU C 180 -2.09 30.32 19.56
CA LEU C 180 -2.69 29.00 19.34
C LEU C 180 -1.80 28.15 18.44
N LEU C 181 -1.35 28.73 17.33
CA LEU C 181 -0.53 27.98 16.39
C LEU C 181 0.77 27.52 17.04
N LYS C 182 1.43 28.41 17.78
CA LYS C 182 2.69 28.07 18.42
C LYS C 182 2.51 26.96 19.44
N GLU C 183 1.49 27.09 20.31
CA GLU C 183 1.29 26.08 21.33
C GLU C 183 0.90 24.74 20.75
N VAL C 184 0.02 24.73 19.73
CA VAL C 184 -0.38 23.47 19.13
C VAL C 184 0.79 22.81 18.42
N ASN C 185 1.68 23.61 17.80
CA ASN C 185 2.84 23.00 17.14
C ASN C 185 3.83 22.46 18.16
N PHE C 186 4.00 23.16 19.29
CA PHE C 186 4.86 22.64 20.34
C PHE C 186 4.35 21.31 20.87
N TYR C 187 3.04 21.25 21.16
CA TYR C 187 2.45 20.00 21.64
C TYR C 187 2.59 18.89 20.60
N SER C 188 2.33 19.21 19.33
CA SER C 188 2.45 18.21 18.29
C SER C 188 3.87 17.69 18.18
N GLY C 189 4.86 18.57 18.28
CA GLY C 189 6.24 18.13 18.22
C GLY C 189 6.59 17.19 19.37
N ILE C 190 6.20 17.54 20.59
CA ILE C 190 6.56 16.70 21.73
C ILE C 190 5.88 15.34 21.63
N LEU C 191 4.58 15.32 21.35
CA LEU C 191 3.91 14.03 21.25
C LEU C 191 4.42 13.21 20.06
N LEU C 192 4.81 13.86 18.96
CA LEU C 192 5.36 13.12 17.83
C LEU C 192 6.70 12.50 18.19
N LEU C 193 7.51 13.20 18.99
CA LEU C 193 8.72 12.59 19.52
C LEU C 193 8.39 11.37 20.36
N ALA C 194 7.34 11.47 21.19
CA ALA C 194 6.95 10.34 22.01
C ALA C 194 6.55 9.13 21.15
N CYS C 195 5.75 9.36 20.12
CA CYS C 195 5.35 8.25 19.26
C CYS C 195 6.52 7.69 18.44
N ILE C 196 7.47 8.54 18.04
CA ILE C 196 8.65 8.03 17.35
C ILE C 196 9.43 7.10 18.27
N SER C 197 9.61 7.50 19.54
CA SER C 197 10.31 6.64 20.48
C SER C 197 9.56 5.33 20.70
N VAL C 198 8.23 5.40 20.80
CA VAL C 198 7.43 4.18 20.98
C VAL C 198 7.58 3.26 19.77
N ASP C 199 7.54 3.83 18.56
CA ASP C 199 7.71 3.04 17.36
C ASP C 199 9.06 2.36 17.32
N ARG C 200 10.13 3.09 17.69
CA ARG C 200 11.46 2.48 17.70
C ARG C 200 11.53 1.35 18.71
N TYR C 201 10.96 1.54 19.90
CA TYR C 201 10.96 0.47 20.89
C TYR C 201 10.23 -0.75 20.38
N LEU C 202 9.07 -0.56 19.73
CA LEU C 202 8.33 -1.70 19.18
C LEU C 202 9.13 -2.40 18.09
N ALA C 203 9.82 -1.64 17.24
CA ALA C 203 10.52 -2.23 16.11
C ALA C 203 11.77 -2.99 16.55
N ILE C 204 12.44 -2.55 17.62
CA ILE C 204 13.70 -3.15 18.03
C ILE C 204 13.49 -4.23 19.10
N VAL C 205 12.84 -3.89 20.20
CA VAL C 205 12.71 -4.83 21.31
C VAL C 205 11.83 -6.02 20.92
N HIS C 206 10.69 -5.75 20.29
CA HIS C 206 9.72 -6.78 19.93
C HIS C 206 9.75 -7.11 18.45
N ALA C 207 10.95 -7.16 17.85
CA ALA C 207 11.05 -7.37 16.41
C ALA C 207 10.49 -8.71 15.98
N THR C 208 10.79 -9.78 16.74
CA THR C 208 10.37 -11.11 16.34
C THR C 208 8.90 -11.37 16.63
N ARG C 209 8.33 -10.73 17.65
CA ARG C 209 6.98 -11.01 18.08
C ARG C 209 5.96 -10.27 17.22
N THR C 210 4.69 -10.64 17.38
CA THR C 210 3.61 -10.09 16.59
C THR C 210 3.12 -8.73 17.09
N LEU C 211 3.60 -8.28 18.25
CA LEU C 211 3.19 -6.98 18.75
C LEU C 211 3.72 -5.84 17.89
N THR C 212 4.88 -6.05 17.26
CA THR C 212 5.44 -5.04 16.36
C THR C 212 4.60 -4.85 15.11
N GLN C 213 3.68 -5.77 14.82
CA GLN C 213 2.78 -5.59 13.68
C GLN C 213 1.79 -4.46 13.88
N LYS C 214 1.62 -3.98 15.12
CA LYS C 214 0.67 -2.91 15.41
C LYS C 214 1.18 -1.53 15.01
N ARG C 215 2.32 -1.44 14.32
CA ARG C 215 2.92 -0.16 13.99
C ARG C 215 2.61 0.31 12.57
N TYR C 216 1.58 -0.25 11.93
CA TYR C 216 1.08 0.30 10.68
C TYR C 216 -0.12 1.23 10.88
N LEU C 217 -0.45 1.57 12.12
CA LEU C 217 -1.50 2.53 12.45
C LEU C 217 -0.94 3.93 12.65
N VAL C 218 0.14 4.26 11.95
CA VAL C 218 0.81 5.54 12.18
C VAL C 218 0.01 6.72 11.64
N LYS C 219 -0.71 6.56 10.54
CA LYS C 219 -1.54 7.65 10.03
C LYS C 219 -2.63 8.01 11.04
N PHE C 220 -3.31 6.99 11.57
CA PHE C 220 -4.41 7.23 12.50
C PHE C 220 -3.88 7.78 13.83
N ILE C 221 -2.76 7.24 14.33
CA ILE C 221 -2.23 7.74 15.59
C ILE C 221 -1.69 9.15 15.42
N CYS C 222 -1.15 9.48 14.25
CA CYS C 222 -0.71 10.84 13.98
C CYS C 222 -1.89 11.80 13.94
N LEU C 223 -2.98 11.38 13.30
CA LEU C 223 -4.20 12.20 13.30
C LEU C 223 -4.71 12.41 14.72
N SER C 224 -4.69 11.35 15.53
CA SER C 224 -5.13 11.46 16.91
C SER C 224 -4.23 12.40 17.71
N ILE C 225 -2.91 12.33 17.48
CA ILE C 225 -1.98 13.23 18.16
C ILE C 225 -2.25 14.67 17.77
N TRP C 226 -2.48 14.93 16.47
CA TRP C 226 -2.78 16.28 16.04
C TRP C 226 -4.07 16.80 16.67
N GLY C 227 -5.10 15.95 16.71
CA GLY C 227 -6.35 16.34 17.34
C GLY C 227 -6.19 16.62 18.83
N LEU C 228 -5.42 15.77 19.52
CA LEU C 228 -5.19 15.98 20.94
C LEU C 228 -4.43 17.27 21.20
N SER C 229 -3.43 17.58 20.36
CA SER C 229 -2.71 18.83 20.51
C SER C 229 -3.63 20.02 20.27
N LEU C 230 -4.51 19.93 19.27
CA LEU C 230 -5.47 21.00 19.03
C LEU C 230 -6.41 21.17 20.22
N LEU C 231 -6.84 20.06 20.82
CA LEU C 231 -7.70 20.14 22.00
C LEU C 231 -6.97 20.75 23.19
N LEU C 232 -5.68 20.46 23.33
CA LEU C 232 -4.92 20.98 24.46
C LEU C 232 -4.68 22.48 24.38
N ALA C 233 -4.66 23.04 23.16
CA ALA C 233 -4.42 24.46 22.97
C ALA C 233 -5.71 25.28 22.87
N LEU C 234 -6.83 24.73 23.37
CA LEU C 234 -8.06 25.52 23.42
C LEU C 234 -7.95 26.72 24.35
N PRO C 235 -7.48 26.58 25.60
CA PRO C 235 -7.48 27.76 26.50
C PRO C 235 -6.63 28.92 26.00
N VAL C 236 -5.49 28.65 25.35
CA VAL C 236 -4.64 29.75 24.91
C VAL C 236 -5.34 30.58 23.84
N LEU C 237 -6.06 29.92 22.93
CA LEU C 237 -6.86 30.66 21.95
C LEU C 237 -8.03 31.38 22.61
N LEU C 238 -8.78 30.69 23.45
CA LEU C 238 -10.01 31.26 23.98
C LEU C 238 -9.77 32.29 25.08
N PHE C 239 -8.77 32.09 25.92
CA PHE C 239 -8.63 32.84 27.17
C PHE C 239 -7.47 33.81 27.13
N ARG C 240 -7.20 34.41 25.97
CA ARG C 240 -6.08 35.35 25.82
C ARG C 240 -6.54 36.66 25.20
N ARG C 241 -5.91 37.75 25.63
CA ARG C 241 -6.17 39.06 25.04
C ARG C 241 -4.98 39.96 25.33
N THR C 242 -4.91 41.05 24.56
CA THR C 242 -3.86 42.06 24.77
C THR C 242 -4.16 42.85 26.03
N VAL C 243 -3.20 42.86 26.97
CA VAL C 243 -3.38 43.51 28.26
C VAL C 243 -2.42 44.70 28.28
N TYR C 244 -2.97 45.90 28.11
CA TYR C 244 -2.18 47.11 28.23
C TYR C 244 -1.87 47.40 29.71
N SER C 245 -0.68 47.91 29.96
CA SER C 245 -0.29 48.25 31.33
C SER C 245 0.36 49.62 31.37
N SER C 246 0.85 50.02 32.54
CA SER C 246 1.47 51.33 32.72
C SER C 246 2.99 51.27 32.77
N ASN C 247 3.55 50.46 33.67
CA ASN C 247 5.01 50.37 33.76
C ASN C 247 5.59 49.51 32.64
N VAL C 248 4.83 48.54 32.15
CA VAL C 248 5.32 47.58 31.17
C VAL C 248 4.58 47.75 29.87
N SER C 249 5.26 47.41 28.76
CA SER C 249 4.63 47.41 27.45
C SER C 249 3.56 46.34 27.40
N PRO C 250 2.52 46.52 26.58
CA PRO C 250 1.43 45.53 26.55
C PRO C 250 1.92 44.19 26.02
N ALA C 251 1.31 43.11 26.54
CA ALA C 251 1.77 41.77 26.28
C ALA C 251 0.62 40.86 25.90
N CYS C 252 0.95 39.72 25.30
CA CYS C 252 -0.02 38.72 24.88
C CYS C 252 -0.44 37.84 26.05
N TYR C 253 -0.91 38.46 27.13
CA TYR C 253 -1.16 37.78 28.39
C TYR C 253 -2.54 37.10 28.37
N GLU C 254 -2.94 36.60 29.53
CA GLU C 254 -4.22 35.92 29.71
C GLU C 254 -5.12 36.70 30.67
N ASP C 255 -6.42 36.46 30.55
CA ASP C 255 -7.42 37.15 31.38
C ASP C 255 -8.62 36.21 31.50
N MET C 256 -8.88 35.71 32.71
CA MET C 256 -10.00 34.82 32.93
C MET C 256 -10.98 35.36 33.97
N GLY C 257 -10.72 36.55 34.50
CA GLY C 257 -11.56 37.15 35.53
C GLY C 257 -10.72 37.79 36.60
N ASN C 258 -11.33 38.00 37.77
CA ASN C 258 -10.64 38.67 38.87
C ASN C 258 -9.54 37.79 39.46
N ASN C 259 -9.73 36.47 39.47
CA ASN C 259 -8.75 35.53 40.01
C ASN C 259 -7.87 34.92 38.93
N THR C 260 -7.56 35.70 37.88
CA THR C 260 -6.75 35.19 36.79
C THR C 260 -5.37 34.74 37.27
N ALA C 261 -4.86 35.33 38.36
CA ALA C 261 -3.55 34.95 38.87
C ALA C 261 -3.50 33.48 39.24
N ASN C 262 -4.56 32.96 39.85
CA ASN C 262 -4.61 31.54 40.20
C ASN C 262 -5.16 30.70 39.07
N TRP C 263 -6.01 31.26 38.21
CA TRP C 263 -6.58 30.47 37.12
C TRP C 263 -5.55 30.17 36.03
N ARG C 264 -4.69 31.14 35.71
CA ARG C 264 -3.58 30.86 34.81
C ARG C 264 -2.64 29.83 35.41
N MET C 265 -2.46 29.87 36.73
CA MET C 265 -1.69 28.84 37.42
C MET C 265 -2.31 27.47 37.19
N LEU C 266 -3.62 27.34 37.39
CA LEU C 266 -4.29 26.07 37.15
C LEU C 266 -4.27 25.69 35.68
N LEU C 267 -4.09 26.67 34.78
CA LEU C 267 -3.95 26.36 33.36
C LEU C 267 -2.58 25.81 33.03
N ARG C 268 -1.55 26.27 33.75
CA ARG C 268 -0.17 25.91 33.43
C ARG C 268 0.18 24.45 33.72
N ILE C 269 -0.72 23.68 34.33
CA ILE C 269 -0.39 22.29 34.63
C ILE C 269 -0.25 21.47 33.36
N LEU C 270 -1.04 21.79 32.34
CA LEU C 270 -1.05 20.98 31.12
C LEU C 270 0.30 20.92 30.42
N PRO C 271 1.02 22.03 30.19
CA PRO C 271 2.38 21.91 29.64
C PRO C 271 3.35 21.16 30.54
N GLN C 272 3.18 21.26 31.86
CA GLN C 272 4.09 20.55 32.77
C GLN C 272 3.81 19.06 32.85
N SER C 273 2.60 18.62 32.53
CA SER C 273 2.21 17.21 32.67
C SER C 273 2.07 16.51 31.33
N PHE C 274 1.22 17.02 30.44
CA PHE C 274 1.06 16.42 29.13
C PHE C 274 2.02 16.98 28.09
N GLY C 275 2.92 17.86 28.50
CA GLY C 275 3.89 18.43 27.58
C GLY C 275 5.32 18.06 27.91
N PHE C 276 5.61 17.86 29.19
CA PHE C 276 6.97 17.49 29.60
C PHE C 276 7.03 16.14 30.29
N ILE C 277 6.25 15.93 31.36
CA ILE C 277 6.45 14.76 32.20
C ILE C 277 6.10 13.47 31.45
N VAL C 278 4.93 13.44 30.82
CA VAL C 278 4.49 12.22 30.14
C VAL C 278 5.40 11.85 28.98
N PRO C 279 5.70 12.74 28.02
CA PRO C 279 6.63 12.35 26.95
C PRO C 279 8.03 12.02 27.45
N LEU C 280 8.51 12.70 28.48
CA LEU C 280 9.83 12.37 29.02
C LEU C 280 9.84 10.96 29.61
N LEU C 281 8.79 10.60 30.37
CA LEU C 281 8.73 9.26 30.92
C LEU C 281 8.62 8.21 29.82
N ILE C 282 7.80 8.48 28.80
CA ILE C 282 7.64 7.53 27.70
C ILE C 282 8.97 7.32 26.98
N MET C 283 9.66 8.41 26.66
CA MET C 283 10.94 8.31 25.97
C MET C 283 11.96 7.58 26.81
N LEU C 284 12.05 7.90 28.11
CA LEU C 284 13.04 7.25 28.96
C LEU C 284 12.77 5.75 29.04
N PHE C 285 11.51 5.37 29.24
CA PHE C 285 11.15 3.95 29.32
C PHE C 285 11.49 3.21 28.03
N CYS C 286 11.00 3.73 26.90
CA CYS C 286 11.17 3.03 25.63
C CYS C 286 12.64 2.95 25.24
N TYR C 287 13.37 4.07 25.37
CA TYR C 287 14.77 4.06 24.97
C TYR C 287 15.63 3.27 25.95
N GLY C 288 15.24 3.21 27.23
CA GLY C 288 15.97 2.36 28.15
C GLY C 288 15.86 0.89 27.79
N PHE C 289 14.66 0.42 27.48
CA PHE C 289 14.57 -0.97 27.04
C PHE C 289 15.20 -1.20 25.68
N THR C 290 15.13 -0.23 24.76
CA THR C 290 15.80 -0.38 23.48
C THR C 290 17.30 -0.49 23.66
N LEU C 291 17.88 0.33 24.53
CA LEU C 291 19.30 0.25 24.81
C LEU C 291 19.66 -1.08 25.46
N ARG C 292 18.82 -1.55 26.39
CA ARG C 292 19.10 -2.84 27.02
C ARG C 292 19.10 -3.95 25.98
N THR C 293 18.15 -3.93 25.05
CA THR C 293 18.14 -4.93 23.98
C THR C 293 19.39 -4.81 23.10
N LEU C 294 19.79 -3.57 22.77
CA LEU C 294 20.95 -3.39 21.90
C LEU C 294 22.25 -3.76 22.60
N PHE C 295 22.28 -3.73 23.93
CA PHE C 295 23.48 -4.13 24.66
C PHE C 295 23.84 -5.59 24.42
N LYS C 296 22.85 -6.44 24.15
CA LYS C 296 23.06 -7.87 24.03
C LYS C 296 23.20 -8.36 22.59
N ALA C 297 22.87 -7.52 21.62
CA ALA C 297 22.90 -7.92 20.22
C ALA C 297 24.33 -7.97 19.69
N HIS C 298 24.49 -8.48 18.47
CA HIS C 298 25.79 -8.72 17.88
C HIS C 298 25.88 -8.19 16.47
N MET C 299 25.35 -7.00 16.22
CA MET C 299 25.54 -6.36 14.92
C MET C 299 26.88 -5.64 14.89
N GLY C 300 27.11 -4.83 13.86
CA GLY C 300 28.32 -4.05 13.78
C GLY C 300 28.09 -2.60 14.12
N GLN C 301 26.93 -2.06 13.74
CA GLN C 301 26.57 -0.67 14.00
C GLN C 301 25.62 -0.54 15.19
N LYS C 302 25.69 -1.46 16.14
CA LYS C 302 24.93 -1.29 17.39
C LYS C 302 25.42 -0.07 18.15
N HIS C 303 26.73 0.21 18.09
CA HIS C 303 27.27 1.38 18.78
C HIS C 303 26.66 2.67 18.23
N ARG C 304 26.51 2.78 16.91
CA ARG C 304 25.93 3.98 16.33
C ARG C 304 24.49 4.17 16.80
N ALA C 305 23.72 3.08 16.86
CA ALA C 305 22.34 3.18 17.35
C ALA C 305 22.32 3.63 18.81
N MET C 306 23.20 3.06 19.64
CA MET C 306 23.24 3.46 21.04
C MET C 306 23.58 4.95 21.17
N ARG C 307 24.57 5.42 20.42
CA ARG C 307 24.97 6.82 20.52
C ARG C 307 23.89 7.75 19.99
N VAL C 308 23.19 7.35 18.93
CA VAL C 308 22.10 8.17 18.42
C VAL C 308 20.96 8.26 19.43
N ILE C 309 20.64 7.14 20.10
CA ILE C 309 19.60 7.16 21.12
C ILE C 309 20.00 8.08 22.26
N PHE C 310 21.26 7.97 22.71
CA PHE C 310 21.73 8.85 23.78
C PHE C 310 21.67 10.32 23.35
N ALA C 311 22.04 10.60 22.10
CA ALA C 311 21.99 11.97 21.60
C ALA C 311 20.56 12.49 21.58
N VAL C 312 19.61 11.65 21.16
CA VAL C 312 18.20 12.06 21.15
C VAL C 312 17.74 12.42 22.54
N VAL C 313 18.02 11.54 23.51
CA VAL C 313 17.57 11.78 24.88
C VAL C 313 18.22 13.03 25.44
N LEU C 314 19.53 13.20 25.23
CA LEU C 314 20.23 14.35 25.76
C LEU C 314 19.75 15.65 25.13
N ILE C 315 19.49 15.64 23.82
CA ILE C 315 19.00 16.85 23.16
C ILE C 315 17.63 17.23 23.70
N PHE C 316 16.73 16.25 23.85
CA PHE C 316 15.42 16.55 24.40
C PHE C 316 15.53 17.13 25.81
N LEU C 317 16.35 16.51 26.65
CA LEU C 317 16.50 16.99 28.02
C LEU C 317 17.08 18.40 28.05
N LEU C 318 18.15 18.64 27.30
CA LEU C 318 18.77 19.96 27.30
C LEU C 318 17.83 21.02 26.75
N CYS C 319 16.97 20.66 25.79
CA CYS C 319 16.05 21.66 25.24
C CYS C 319 14.91 21.98 26.20
N TRP C 320 14.36 20.97 26.87
CA TRP C 320 13.09 21.19 27.57
C TRP C 320 13.16 21.12 29.09
N LEU C 321 14.33 20.82 29.68
CA LEU C 321 14.41 20.79 31.14
C LEU C 321 14.57 22.18 31.75
N PRO C 322 15.49 23.04 31.30
CA PRO C 322 15.65 24.34 31.98
C PRO C 322 14.41 25.21 31.92
N TYR C 323 13.69 25.22 30.80
CA TYR C 323 12.50 26.05 30.69
C TYR C 323 11.42 25.60 31.68
N ASN C 324 11.18 24.29 31.76
CA ASN C 324 10.21 23.78 32.72
C ASN C 324 10.67 23.99 34.15
N LEU C 325 11.97 23.90 34.41
CA LEU C 325 12.48 24.17 35.75
C LEU C 325 12.22 25.62 36.14
N VAL C 326 12.47 26.56 35.23
CA VAL C 326 12.23 27.96 35.53
C VAL C 326 10.74 28.23 35.72
N LEU C 327 9.90 27.60 34.90
CA LEU C 327 8.46 27.77 35.07
C LEU C 327 7.99 27.22 36.41
N LEU C 328 8.53 26.07 36.82
CA LEU C 328 8.18 25.52 38.13
C LEU C 328 8.68 26.42 39.25
N ALA C 329 9.86 27.03 39.08
CA ALA C 329 10.36 27.97 40.07
C ALA C 329 9.44 29.17 40.20
N ASP C 330 8.95 29.69 39.08
CA ASP C 330 7.99 30.78 39.12
C ASP C 330 6.70 30.35 39.80
N THR C 331 6.25 29.12 39.51
CA THR C 331 5.04 28.59 40.14
C THR C 331 5.20 28.52 41.65
N LEU C 332 6.36 28.08 42.11
CA LEU C 332 6.62 28.04 43.55
C LEU C 332 6.74 29.44 44.13
N MET C 333 7.29 30.39 43.36
CA MET C 333 7.46 31.74 43.85
C MET C 333 6.12 32.45 44.06
N ARG C 334 5.23 32.37 43.07
CA ARG C 334 3.95 33.06 43.19
C ARG C 334 3.09 32.46 44.30
N THR C 335 3.16 31.14 44.50
CA THR C 335 2.37 30.47 45.52
C THR C 335 2.83 30.81 46.93
N GLN C 336 3.96 31.51 47.07
CA GLN C 336 4.55 31.93 48.34
C GLN C 336 5.16 30.78 49.13
N VAL C 337 5.36 29.63 48.49
CA VAL C 337 6.10 28.55 49.14
C VAL C 337 7.54 28.98 49.40
N ILE C 338 8.15 29.64 48.41
CA ILE C 338 9.46 30.24 48.57
C ILE C 338 9.27 31.74 48.73
N GLN C 339 10.28 32.39 49.31
CA GLN C 339 10.19 33.82 49.58
C GLN C 339 10.16 34.61 48.27
N GLU C 340 9.38 35.69 48.26
CA GLU C 340 9.20 36.52 47.08
C GLU C 340 9.95 37.83 47.27
N THR C 341 10.91 38.10 46.40
CA THR C 341 11.68 39.34 46.40
C THR C 341 11.75 39.90 44.99
N CYS C 342 12.06 41.19 44.90
CA CYS C 342 12.23 41.83 43.60
C CYS C 342 13.39 41.23 42.82
N GLU C 343 14.52 40.99 43.51
CA GLU C 343 15.66 40.36 42.86
C GLU C 343 15.33 38.95 42.40
N ARG C 344 14.64 38.18 43.23
CA ARG C 344 14.21 36.86 42.81
C ARG C 344 13.31 36.94 41.59
N ARG C 345 12.40 37.92 41.56
CA ARG C 345 11.44 37.98 40.46
C ARG C 345 12.09 38.39 39.14
N ASN C 346 13.01 39.37 39.14
CA ASN C 346 13.62 39.73 37.87
C ASN C 346 14.68 38.72 37.45
N HIS C 347 15.30 38.03 38.42
CA HIS C 347 16.14 36.90 38.08
C HIS C 347 15.33 35.81 37.38
N ILE C 348 14.13 35.52 37.90
CA ILE C 348 13.27 34.52 37.28
C ILE C 348 12.84 34.97 35.89
N ASP C 349 12.55 36.26 35.72
CA ASP C 349 12.17 36.76 34.40
C ASP C 349 13.31 36.60 33.40
N ARG C 350 14.54 36.95 33.80
CA ARG C 350 15.68 36.79 32.91
C ARG C 350 15.91 35.31 32.59
N ALA C 351 15.78 34.45 33.59
CA ALA C 351 15.92 33.01 33.37
C ALA C 351 14.86 32.51 32.40
N LEU C 352 13.63 33.01 32.53
CA LEU C 352 12.58 32.62 31.60
C LEU C 352 12.91 33.02 30.18
N ASP C 353 13.42 34.25 29.99
CA ASP C 353 13.80 34.69 28.66
C ASP C 353 14.89 33.80 28.07
N ALA C 354 15.95 33.55 28.86
CA ALA C 354 17.06 32.74 28.37
C ALA C 354 16.62 31.32 28.08
N THR C 355 15.79 30.74 28.94
CA THR C 355 15.36 29.36 28.75
C THR C 355 14.40 29.23 27.58
N GLU C 356 13.56 30.23 27.33
CA GLU C 356 12.75 30.20 26.11
C GLU C 356 13.63 30.29 24.88
N ILE C 357 14.66 31.14 24.92
CA ILE C 357 15.62 31.22 23.82
C ILE C 357 16.25 29.86 23.55
N LEU C 358 16.63 29.17 24.62
CA LEU C 358 17.20 27.83 24.48
C LEU C 358 16.17 26.83 23.96
N GLY C 359 14.94 26.93 24.43
CA GLY C 359 13.91 25.97 24.04
C GLY C 359 13.52 26.05 22.59
N ILE C 360 13.50 27.25 22.01
CA ILE C 360 13.10 27.39 20.62
C ILE C 360 14.10 26.75 19.67
N LEU C 361 15.18 26.19 20.21
CA LEU C 361 16.19 25.52 19.40
C LEU C 361 15.78 24.12 18.96
N HIS C 362 14.66 23.60 19.48
CA HIS C 362 14.28 22.23 19.15
C HIS C 362 13.93 22.08 17.68
N SER C 363 13.29 23.09 17.10
CA SER C 363 12.96 23.03 15.68
C SER C 363 14.21 23.00 14.81
N CYS C 364 15.27 23.69 15.23
CA CYS C 364 16.52 23.66 14.49
C CYS C 364 17.26 22.35 14.69
N LEU C 365 17.22 21.79 15.89
CA LEU C 365 17.96 20.58 16.20
C LEU C 365 17.25 19.29 15.79
N ASN C 366 15.96 19.36 15.48
CA ASN C 366 15.23 18.15 15.09
C ASN C 366 15.75 17.52 13.81
N PRO C 367 15.97 18.23 12.71
CA PRO C 367 16.39 17.55 11.47
C PRO C 367 17.74 16.85 11.58
N LEU C 368 18.75 17.54 12.12
CA LEU C 368 20.07 16.91 12.25
C LEU C 368 20.01 15.67 13.13
N ILE C 369 19.30 15.76 14.26
CA ILE C 369 19.29 14.66 15.22
C ILE C 369 18.49 13.47 14.67
N TYR C 370 17.34 13.73 14.06
CA TYR C 370 16.42 12.66 13.68
C TYR C 370 16.59 12.21 12.24
N ALA C 371 16.53 13.13 11.28
CA ALA C 371 16.50 12.76 9.87
C ALA C 371 17.89 12.58 9.28
N PHE C 372 18.72 13.62 9.34
CA PHE C 372 19.99 13.65 8.63
C PHE C 372 21.02 12.70 9.22
N ILE C 373 20.77 12.11 10.39
CA ILE C 373 21.71 11.18 11.00
C ILE C 373 21.61 9.78 10.42
N GLY C 374 20.61 9.51 9.59
CA GLY C 374 20.41 8.21 8.98
C GLY C 374 21.07 8.12 7.61
N GLN C 375 21.49 6.89 7.26
CA GLN C 375 22.15 6.68 5.97
C GLN C 375 21.19 6.88 4.81
N LYS C 376 19.92 6.48 4.99
CA LYS C 376 18.94 6.63 3.92
C LYS C 376 18.75 8.10 3.54
N PHE C 377 18.66 8.97 4.54
CA PHE C 377 18.48 10.39 4.27
C PHE C 377 19.68 10.99 3.55
N ARG C 378 20.89 10.61 3.99
CA ARG C 378 22.10 11.15 3.37
C ARG C 378 22.21 10.70 1.91
N HIS C 379 21.99 9.40 1.66
CA HIS C 379 22.00 8.91 0.29
C HIS C 379 20.92 9.59 -0.54
N GLY C 380 19.74 9.80 0.06
CA GLY C 380 18.67 10.45 -0.67
C GLY C 380 19.02 11.85 -1.09
N LEU C 381 19.51 12.67 -0.15
CA LEU C 381 19.77 14.07 -0.53
C LEU C 381 20.94 14.07 -1.54
N LEU C 382 21.98 13.26 -1.30
CA LEU C 382 23.09 13.25 -2.25
C LEU C 382 22.61 12.90 -3.65
N LYS C 383 21.67 11.97 -3.75
CA LYS C 383 21.06 11.67 -5.04
C LYS C 383 20.27 12.85 -5.58
N ILE C 384 19.51 13.53 -4.70
CA ILE C 384 18.60 14.57 -5.16
C ILE C 384 19.37 15.79 -5.67
N LEU C 385 20.48 16.13 -5.01
CA LEU C 385 21.23 17.31 -5.43
C LEU C 385 21.73 17.17 -6.87
N ALA C 386 22.13 15.96 -7.26
CA ALA C 386 22.60 15.66 -8.61
C ALA C 386 23.73 16.59 -9.05
N SER D 18 -26.41 -0.61 -11.39
CA SER D 18 -25.89 -1.73 -10.59
C SER D 18 -27.00 -2.74 -10.29
N ALA D 19 -27.40 -3.60 -11.22
CA ALA D 19 -28.56 -4.43 -10.94
C ALA D 19 -28.19 -5.62 -10.07
N GLU D 20 -27.34 -6.50 -10.59
CA GLU D 20 -26.74 -7.58 -9.81
C GLU D 20 -25.23 -7.43 -9.74
N GLU D 21 -24.69 -6.33 -10.27
CA GLU D 21 -23.28 -6.01 -10.07
C GLU D 21 -22.98 -5.68 -8.62
N ARG D 22 -23.99 -5.35 -7.83
CA ARG D 22 -23.79 -5.18 -6.40
C ARG D 22 -23.38 -6.48 -5.73
N ALA D 23 -24.00 -7.59 -6.14
CA ALA D 23 -23.62 -8.89 -5.61
C ALA D 23 -22.21 -9.29 -6.04
N ALA D 24 -21.85 -8.97 -7.29
CA ALA D 24 -20.49 -9.22 -7.74
C ALA D 24 -19.49 -8.39 -6.93
N LEU D 25 -19.84 -7.14 -6.63
CA LEU D 25 -18.97 -6.31 -5.80
C LEU D 25 -18.83 -6.88 -4.40
N GLU D 26 -19.93 -7.38 -3.82
CA GLU D 26 -19.87 -7.96 -2.49
C GLU D 26 -18.98 -9.21 -2.49
N ARG D 27 -19.09 -10.05 -3.53
CA ARG D 27 -18.22 -11.21 -3.64
C ARG D 27 -16.76 -10.79 -3.78
N SER D 28 -16.50 -9.73 -4.53
CA SER D 28 -15.14 -9.22 -4.66
C SER D 28 -14.60 -8.77 -3.32
N LYS D 29 -15.41 -8.06 -2.53
CA LYS D 29 -14.98 -7.63 -1.20
C LYS D 29 -14.72 -8.82 -0.29
N ALA D 30 -15.57 -9.85 -0.37
CA ALA D 30 -15.37 -11.03 0.46
C ALA D 30 -14.05 -11.72 0.12
N ILE D 31 -13.76 -11.90 -1.17
CA ILE D 31 -12.52 -12.57 -1.52
C ILE D 31 -11.31 -11.69 -1.23
N GLU D 32 -11.47 -10.36 -1.31
CA GLU D 32 -10.38 -9.47 -0.89
C GLU D 32 -10.09 -9.60 0.60
N LYS D 33 -11.15 -9.70 1.42
CA LYS D 33 -10.97 -9.93 2.85
C LYS D 33 -10.26 -11.25 3.09
N ASN D 34 -10.65 -12.30 2.36
CA ASN D 34 -9.96 -13.58 2.49
C ASN D 34 -8.48 -13.46 2.12
N LEU D 35 -8.18 -12.72 1.04
CA LEU D 35 -6.80 -12.52 0.62
C LEU D 35 -5.99 -11.83 1.71
N LYS D 36 -6.55 -10.78 2.31
CA LYS D 36 -5.85 -10.11 3.39
C LYS D 36 -5.66 -11.03 4.58
N GLU D 37 -6.63 -11.91 4.85
CA GLU D 37 -6.47 -12.87 5.94
C GLU D 37 -5.30 -13.81 5.67
N ASP D 38 -5.22 -14.35 4.45
CA ASP D 38 -4.09 -15.25 4.14
C ASP D 38 -2.77 -14.50 4.22
N GLY D 39 -2.73 -13.26 3.74
CA GLY D 39 -1.49 -12.49 3.83
C GLY D 39 -1.06 -12.26 5.26
N ILE D 40 -2.01 -11.91 6.12
CA ILE D 40 -1.69 -11.70 7.54
C ILE D 40 -1.19 -13.00 8.16
N SER D 41 -1.85 -14.12 7.87
CA SER D 41 -1.43 -15.39 8.45
C SER D 41 -0.04 -15.80 7.96
N ALA D 42 0.26 -15.55 6.69
CA ALA D 42 1.54 -15.98 6.12
C ALA D 42 2.68 -15.01 6.38
N ALA D 43 2.40 -13.78 6.82
CA ALA D 43 3.47 -12.84 7.11
C ALA D 43 4.26 -13.21 8.36
N LYS D 44 3.80 -14.17 9.15
CA LYS D 44 4.49 -14.54 10.38
C LYS D 44 5.60 -15.56 10.17
N ASP D 45 5.80 -16.04 8.94
CA ASP D 45 6.79 -17.06 8.67
C ASP D 45 8.13 -16.43 8.30
N VAL D 46 9.22 -17.11 8.67
CA VAL D 46 10.57 -16.68 8.36
C VAL D 46 11.12 -17.59 7.28
N LYS D 47 11.47 -17.02 6.13
CA LYS D 47 11.91 -17.77 4.97
C LYS D 47 13.44 -17.74 4.91
N LEU D 48 14.05 -18.92 4.93
CA LEU D 48 15.50 -19.06 4.89
C LEU D 48 15.89 -19.90 3.68
N LEU D 49 16.83 -19.40 2.88
CA LEU D 49 17.35 -20.13 1.73
C LEU D 49 18.56 -20.92 2.17
N LEU D 50 18.48 -22.24 2.06
CA LEU D 50 19.54 -23.14 2.49
C LEU D 50 20.36 -23.58 1.29
N LEU D 51 21.66 -23.29 1.33
CA LEU D 51 22.55 -23.60 0.21
C LEU D 51 23.72 -24.45 0.68
N GLY D 52 24.70 -24.65 -0.20
CA GLY D 52 25.87 -25.45 0.10
C GLY D 52 26.19 -26.41 -1.03
N ALA D 53 27.29 -27.12 -0.87
CA ALA D 53 27.64 -28.01 -1.98
C ALA D 53 26.92 -29.33 -1.75
N ASP D 54 27.22 -30.33 -2.55
CA ASP D 54 26.57 -31.63 -2.46
C ASP D 54 27.13 -32.43 -1.29
N ASN D 55 26.24 -33.10 -0.55
CA ASN D 55 26.61 -33.92 0.60
C ASN D 55 27.41 -33.12 1.62
N SER D 56 27.02 -31.86 1.82
CA SER D 56 27.69 -30.97 2.76
C SER D 56 27.00 -30.93 4.11
N GLY D 57 26.00 -31.77 4.33
CA GLY D 57 25.25 -31.77 5.58
C GLY D 57 23.91 -31.07 5.51
N LYS D 58 23.50 -30.59 4.34
CA LYS D 58 22.19 -29.94 4.22
C LYS D 58 21.08 -30.88 4.62
N SER D 59 21.08 -32.09 4.07
CA SER D 59 20.05 -33.08 4.41
C SER D 59 20.13 -33.48 5.87
N THR D 60 21.35 -33.54 6.42
CA THR D 60 21.52 -33.94 7.81
C THR D 60 20.88 -32.93 8.75
N ILE D 61 21.09 -31.65 8.51
CA ILE D 61 20.62 -30.64 9.45
C ILE D 61 19.17 -30.26 9.18
N VAL D 62 18.70 -30.43 7.94
CA VAL D 62 17.31 -30.07 7.66
C VAL D 62 16.36 -31.02 8.36
N LYS D 63 16.77 -32.27 8.57
CA LYS D 63 15.97 -33.24 9.30
C LYS D 63 16.33 -33.32 10.78
N GLN D 64 17.31 -32.52 11.23
CA GLN D 64 17.67 -32.51 12.64
C GLN D 64 16.52 -31.98 13.50
N MET D 65 15.85 -30.93 13.03
CA MET D 65 14.65 -30.41 13.67
C MET D 65 13.37 -30.87 12.99
N LYS D 66 13.41 -32.07 12.39
CA LYS D 66 12.28 -32.63 11.67
C LYS D 66 11.79 -31.70 10.57
N THR D 79 10.53 -32.61 -7.55
CA THR D 79 11.99 -32.59 -7.59
C THR D 79 12.50 -31.21 -7.95
N GLY D 80 11.60 -30.24 -8.01
CA GLY D 80 11.98 -28.88 -8.33
C GLY D 80 12.58 -28.14 -7.15
N ILE D 81 11.80 -27.97 -6.08
CA ILE D 81 12.26 -27.31 -4.87
C ILE D 81 11.76 -28.10 -3.67
N VAL D 82 12.63 -28.28 -2.68
CA VAL D 82 12.31 -29.03 -1.47
C VAL D 82 12.17 -28.04 -0.32
N GLU D 83 10.97 -27.97 0.25
CA GLU D 83 10.68 -27.06 1.34
C GLU D 83 10.49 -27.83 2.64
N THR D 84 11.08 -27.32 3.71
CA THR D 84 10.95 -27.88 5.04
C THR D 84 10.52 -26.78 6.00
N HIS D 85 9.55 -27.09 6.85
CA HIS D 85 9.03 -26.14 7.83
C HIS D 85 9.11 -26.73 9.22
N PHE D 86 9.52 -25.90 10.19
CA PHE D 86 9.52 -26.26 11.59
C PHE D 86 9.31 -25.00 12.42
N THR D 87 8.83 -25.19 13.64
CA THR D 87 8.48 -24.08 14.52
C THR D 87 9.38 -24.11 15.75
N PHE D 88 9.97 -22.96 16.07
CA PHE D 88 10.85 -22.84 17.22
C PHE D 88 10.57 -21.52 17.92
N LYS D 89 10.10 -21.60 19.16
CA LYS D 89 9.84 -20.42 20.00
C LYS D 89 8.90 -19.43 19.30
N ASN D 90 7.73 -19.94 18.90
CA ASN D 90 6.67 -19.13 18.30
C ASN D 90 7.12 -18.45 17.01
N LEU D 91 7.98 -19.12 16.24
CA LEU D 91 8.39 -18.63 14.92
C LEU D 91 8.37 -19.79 13.95
N HIS D 92 7.73 -19.59 12.80
CA HIS D 92 7.62 -20.62 11.78
C HIS D 92 8.74 -20.44 10.77
N PHE D 93 9.65 -21.40 10.70
CA PHE D 93 10.83 -21.33 9.84
C PHE D 93 10.57 -22.10 8.56
N ARG D 94 10.37 -21.39 7.46
CA ARG D 94 10.22 -22.01 6.15
C ARG D 94 11.61 -22.10 5.52
N LEU D 95 12.08 -23.33 5.33
CA LEU D 95 13.45 -23.59 4.89
C LEU D 95 13.42 -24.22 3.51
N PHE D 96 13.98 -23.52 2.52
CA PHE D 96 13.96 -23.94 1.13
C PHE D 96 15.33 -24.49 0.74
N ASP D 97 15.37 -25.72 0.24
CA ASP D 97 16.55 -26.31 -0.36
C ASP D 97 16.36 -26.33 -1.87
N VAL D 98 17.23 -25.64 -2.59
CA VAL D 98 17.08 -25.45 -4.02
C VAL D 98 18.24 -26.08 -4.79
N GLY D 99 19.06 -26.89 -4.13
CA GLY D 99 20.15 -27.56 -4.80
C GLY D 99 19.74 -28.58 -5.84
N GLY D 100 18.46 -28.94 -5.88
CA GLY D 100 17.94 -29.87 -6.85
C GLY D 100 17.61 -29.29 -8.21
N GLN D 101 17.81 -27.98 -8.39
CA GLN D 101 17.55 -27.32 -9.66
C GLN D 101 18.83 -27.36 -10.49
N ARG D 102 18.86 -28.23 -11.50
CA ARG D 102 20.04 -28.39 -12.35
C ARG D 102 19.96 -27.41 -13.52
N SER D 103 20.07 -26.12 -13.18
CA SER D 103 20.07 -25.05 -14.16
C SER D 103 20.83 -23.87 -13.57
N GLU D 104 21.07 -22.85 -14.40
CA GLU D 104 21.82 -21.69 -13.96
C GLU D 104 21.01 -20.91 -12.93
N ARG D 105 21.67 -20.51 -11.85
CA ARG D 105 20.98 -19.83 -10.76
C ARG D 105 20.43 -18.48 -11.21
N LYS D 106 21.12 -17.81 -12.14
CA LYS D 106 20.80 -16.43 -12.47
C LYS D 106 19.36 -16.26 -12.93
N LYS D 107 18.79 -17.29 -13.54
CA LYS D 107 17.46 -17.17 -14.13
C LYS D 107 16.32 -17.42 -13.14
N TRP D 108 16.61 -17.91 -11.93
CA TRP D 108 15.57 -18.08 -10.94
C TRP D 108 15.99 -17.72 -9.52
N ILE D 109 17.20 -17.20 -9.31
CA ILE D 109 17.64 -16.89 -7.97
C ILE D 109 16.94 -15.67 -7.40
N HIS D 110 16.37 -14.81 -8.26
CA HIS D 110 15.65 -13.65 -7.77
C HIS D 110 14.31 -14.01 -7.13
N CYS D 111 13.87 -15.26 -7.26
CA CYS D 111 12.68 -15.70 -6.54
C CYS D 111 12.91 -15.75 -5.03
N PHE D 112 14.17 -15.83 -4.60
CA PHE D 112 14.53 -15.89 -3.19
C PHE D 112 15.16 -14.59 -2.70
N GLU D 113 14.86 -13.47 -3.35
CA GLU D 113 15.42 -12.18 -2.93
C GLU D 113 14.89 -11.74 -1.58
N ASP D 114 13.71 -12.21 -1.17
CA ASP D 114 13.07 -11.75 0.06
C ASP D 114 13.30 -12.68 1.24
N VAL D 115 14.23 -13.63 1.14
CA VAL D 115 14.51 -14.51 2.25
C VAL D 115 15.16 -13.72 3.38
N THR D 116 14.88 -14.13 4.63
CA THR D 116 15.44 -13.45 5.78
C THR D 116 16.96 -13.61 5.84
N ALA D 117 17.46 -14.81 5.57
CA ALA D 117 18.89 -15.08 5.65
C ALA D 117 19.22 -16.26 4.73
N ILE D 118 20.49 -16.61 4.70
CA ILE D 118 20.98 -17.75 3.93
C ILE D 118 21.74 -18.66 4.87
N ILE D 119 21.43 -19.95 4.84
CA ILE D 119 22.13 -20.94 5.64
C ILE D 119 23.06 -21.71 4.71
N PHE D 120 24.36 -21.55 4.92
CA PHE D 120 25.38 -22.19 4.10
C PHE D 120 26.02 -23.32 4.88
N CYS D 121 26.13 -24.49 4.25
CA CYS D 121 26.69 -25.67 4.86
C CYS D 121 28.01 -26.02 4.20
N VAL D 122 29.05 -26.24 5.01
CA VAL D 122 30.38 -26.56 4.54
C VAL D 122 30.85 -27.84 5.22
N ASP D 123 31.38 -28.78 4.43
CA ASP D 123 31.94 -30.01 4.96
C ASP D 123 33.43 -29.78 5.19
N LEU D 124 33.83 -29.66 6.45
CA LEU D 124 35.23 -29.38 6.77
C LEU D 124 36.14 -30.52 6.34
N SER D 125 35.72 -31.76 6.56
CA SER D 125 36.52 -32.92 6.23
C SER D 125 36.21 -33.43 4.82
N ASP D 126 36.34 -32.55 3.84
CA ASP D 126 36.09 -32.92 2.45
C ASP D 126 37.16 -32.33 1.53
N HIS D 131 37.40 -26.29 -2.33
CA HIS D 131 37.60 -25.18 -3.26
C HIS D 131 36.30 -24.82 -3.96
N GLU D 132 35.49 -25.84 -4.27
CA GLU D 132 34.19 -25.60 -4.88
C GLU D 132 33.27 -24.85 -3.93
N SER D 133 33.31 -25.18 -2.65
CA SER D 133 32.51 -24.46 -1.66
C SER D 133 32.93 -23.00 -1.56
N LEU D 134 34.23 -22.73 -1.66
CA LEU D 134 34.71 -21.35 -1.62
C LEU D 134 34.16 -20.56 -2.80
N MET D 135 34.20 -21.14 -4.00
CA MET D 135 33.68 -20.47 -5.18
C MET D 135 32.18 -20.25 -5.06
N LEU D 136 31.45 -21.25 -4.56
CA LEU D 136 30.01 -21.11 -4.41
C LEU D 136 29.66 -20.01 -3.40
N PHE D 137 30.40 -19.95 -2.28
CA PHE D 137 30.16 -18.91 -1.29
C PHE D 137 30.46 -17.53 -1.86
N ASP D 138 31.56 -17.41 -2.62
CA ASP D 138 31.89 -16.13 -3.23
C ASP D 138 30.84 -15.71 -4.24
N SER D 139 30.28 -16.68 -4.99
CA SER D 139 29.27 -16.35 -5.98
C SER D 139 27.96 -15.94 -5.33
N ILE D 140 27.58 -16.61 -4.24
CA ILE D 140 26.29 -16.34 -3.62
C ILE D 140 26.31 -15.16 -2.66
N CYS D 141 27.47 -14.80 -2.12
CA CYS D 141 27.57 -13.67 -1.22
C CYS D 141 27.75 -12.33 -1.93
N ASN D 142 28.26 -12.36 -3.16
CA ASN D 142 28.47 -11.16 -3.95
C ASN D 142 27.40 -10.98 -5.03
N ASN D 143 26.32 -11.74 -4.95
CA ASN D 143 25.23 -11.60 -5.92
C ASN D 143 24.58 -10.24 -5.78
N LYS D 144 24.04 -9.73 -6.90
CA LYS D 144 23.38 -8.43 -6.87
C LYS D 144 22.10 -8.47 -6.05
N PHE D 145 21.41 -9.61 -6.02
CA PHE D 145 20.18 -9.75 -5.24
C PHE D 145 20.44 -10.06 -3.78
N PHE D 146 21.67 -10.40 -3.39
CA PHE D 146 22.00 -10.78 -2.03
C PHE D 146 23.08 -9.86 -1.44
N ILE D 147 23.10 -8.60 -1.88
CA ILE D 147 24.07 -7.65 -1.34
C ILE D 147 23.77 -7.34 0.12
N ASP D 148 22.50 -7.27 0.48
CA ASP D 148 22.10 -6.96 1.85
C ASP D 148 21.67 -8.18 2.65
N THR D 149 21.49 -9.33 2.00
CA THR D 149 21.06 -10.53 2.70
C THR D 149 22.25 -11.17 3.41
N SER D 150 22.12 -11.35 4.72
CA SER D 150 23.19 -11.89 5.54
C SER D 150 23.14 -13.42 5.54
N ILE D 151 24.31 -14.03 5.61
CA ILE D 151 24.45 -15.48 5.53
C ILE D 151 24.67 -16.04 6.93
N ILE D 152 24.23 -17.27 7.14
CA ILE D 152 24.52 -18.05 8.34
C ILE D 152 25.39 -19.21 7.91
N LEU D 153 26.64 -19.21 8.37
CA LEU D 153 27.63 -20.20 7.92
C LEU D 153 27.72 -21.32 8.95
N PHE D 154 27.58 -22.56 8.47
CA PHE D 154 27.71 -23.75 9.31
C PHE D 154 28.90 -24.54 8.83
N LEU D 155 29.74 -24.98 9.77
CA LEU D 155 30.92 -25.79 9.48
C LEU D 155 30.70 -27.16 10.12
N ASN D 156 30.06 -28.05 9.38
CA ASN D 156 29.71 -29.36 9.91
C ASN D 156 30.93 -30.28 9.93
N LYS D 157 30.74 -31.45 10.55
CA LYS D 157 31.76 -32.49 10.62
C LYS D 157 33.02 -31.99 11.33
N LYS D 158 32.85 -31.59 12.59
CA LYS D 158 33.99 -31.15 13.39
C LYS D 158 34.86 -32.34 13.80
N ASP D 159 34.23 -33.43 14.25
CA ASP D 159 34.99 -34.60 14.69
C ASP D 159 35.75 -35.22 13.53
N LEU D 160 35.11 -35.34 12.38
CA LEU D 160 35.79 -35.89 11.19
C LEU D 160 36.95 -34.99 10.78
N PHE D 161 36.76 -33.67 10.87
CA PHE D 161 37.85 -32.75 10.54
C PHE D 161 39.02 -32.93 11.48
N GLY D 162 38.74 -33.07 12.79
CA GLY D 162 39.82 -33.31 13.73
C GLY D 162 40.55 -34.61 13.48
N GLU D 163 39.80 -35.67 13.16
CA GLU D 163 40.43 -36.94 12.84
C GLU D 163 41.30 -36.83 11.60
N LYS D 164 40.81 -36.14 10.57
CA LYS D 164 41.60 -35.96 9.36
C LYS D 164 42.86 -35.15 9.64
N ILE D 165 42.75 -34.12 10.48
CA ILE D 165 43.93 -33.34 10.85
C ILE D 165 44.95 -34.23 11.55
N LYS D 166 44.47 -35.06 12.50
CA LYS D 166 45.36 -36.01 13.17
C LYS D 166 45.96 -37.02 12.20
N LYS D 167 45.29 -37.27 11.07
CA LYS D 167 45.77 -38.21 10.06
C LYS D 167 46.50 -37.52 8.91
N SER D 168 45.97 -36.40 8.41
CA SER D 168 46.52 -35.73 7.25
C SER D 168 46.70 -34.24 7.52
N PRO D 169 47.71 -33.62 6.93
CA PRO D 169 47.91 -32.18 7.12
C PRO D 169 46.83 -31.37 6.42
N LEU D 170 46.61 -30.17 6.94
CA LEU D 170 45.59 -29.27 6.40
C LEU D 170 46.08 -28.46 5.20
N THR D 171 47.37 -28.59 4.84
CA THR D 171 47.90 -27.86 3.70
C THR D 171 47.60 -28.53 2.36
N ILE D 172 47.01 -29.73 2.38
CA ILE D 172 46.67 -30.41 1.14
C ILE D 172 45.64 -29.61 0.36
N CYS D 173 44.59 -29.16 1.04
CA CYS D 173 43.57 -28.35 0.39
C CYS D 173 44.02 -26.91 0.20
N PHE D 174 44.81 -26.38 1.14
CA PHE D 174 45.28 -24.99 1.07
C PHE D 174 46.79 -24.97 0.87
N PRO D 175 47.28 -24.74 -0.35
CA PRO D 175 48.73 -24.69 -0.57
C PRO D 175 49.41 -23.56 0.18
N GLU D 176 48.74 -22.44 0.39
CA GLU D 176 49.35 -21.24 0.96
C GLU D 176 49.16 -21.13 2.47
N TYR D 177 48.85 -22.24 3.15
CA TYR D 177 48.62 -22.22 4.59
C TYR D 177 49.94 -22.46 5.30
N THR D 178 50.38 -21.47 6.08
CA THR D 178 51.61 -21.56 6.85
C THR D 178 51.27 -21.31 8.31
N GLY D 179 51.36 -22.36 9.13
CA GLY D 179 51.04 -22.25 10.53
C GLY D 179 50.97 -23.61 11.21
N PRO D 180 50.53 -23.62 12.46
CA PRO D 180 50.45 -24.89 13.19
C PRO D 180 49.39 -25.81 12.59
N ASN D 181 49.59 -27.11 12.78
CA ASN D 181 48.69 -28.14 12.28
C ASN D 181 47.71 -28.60 13.34
N THR D 182 47.30 -27.70 14.24
CA THR D 182 46.32 -28.04 15.25
C THR D 182 44.90 -27.85 14.70
N TYR D 183 43.93 -28.42 15.42
CA TYR D 183 42.54 -28.35 14.98
C TYR D 183 41.98 -26.95 15.07
N GLU D 184 42.23 -26.26 16.19
CA GLU D 184 41.61 -24.96 16.43
C GLU D 184 42.09 -23.93 15.42
N ASP D 185 43.40 -23.83 15.21
CA ASP D 185 43.92 -22.84 14.27
C ASP D 185 43.54 -23.15 12.83
N ALA D 186 43.50 -24.43 12.46
CA ALA D 186 43.07 -24.79 11.11
C ALA D 186 41.61 -24.42 10.89
N ALA D 187 40.74 -24.71 11.87
CA ALA D 187 39.34 -24.33 11.75
C ALA D 187 39.17 -22.82 11.67
N ALA D 188 39.94 -22.08 12.48
CA ALA D 188 39.87 -20.63 12.42
C ALA D 188 40.34 -20.11 11.07
N TYR D 189 41.38 -20.73 10.50
CA TYR D 189 41.87 -20.32 9.19
C TYR D 189 40.83 -20.58 8.12
N ILE D 190 40.16 -21.73 8.17
CA ILE D 190 39.12 -22.02 7.17
C ILE D 190 37.98 -21.03 7.30
N GLN D 191 37.57 -20.74 8.53
CA GLN D 191 36.50 -19.76 8.74
C GLN D 191 36.90 -18.38 8.22
N ALA D 192 38.15 -17.98 8.45
CA ALA D 192 38.62 -16.69 7.95
C ALA D 192 38.65 -16.67 6.44
N GLN D 193 39.08 -17.76 5.81
CA GLN D 193 39.08 -17.83 4.35
C GLN D 193 37.66 -17.72 3.81
N PHE D 194 36.69 -18.30 4.52
CA PHE D 194 35.30 -18.20 4.08
C PHE D 194 34.74 -16.79 4.26
N GLU D 195 35.06 -16.15 5.39
CA GLU D 195 34.56 -14.82 5.67
C GLU D 195 35.29 -13.72 4.89
N SER D 196 36.44 -14.03 4.28
CA SER D 196 37.13 -13.04 3.47
C SER D 196 36.41 -12.73 2.16
N LYS D 197 35.38 -13.49 1.81
CA LYS D 197 34.74 -13.36 0.51
C LYS D 197 33.65 -12.29 0.45
N ASN D 198 33.26 -11.71 1.58
CA ASN D 198 32.23 -10.68 1.59
C ASN D 198 32.86 -9.30 1.73
N ARG D 199 32.25 -8.33 1.07
CA ARG D 199 32.76 -6.97 1.02
C ARG D 199 31.78 -5.93 1.53
N SER D 200 30.48 -6.13 1.35
CA SER D 200 29.50 -5.13 1.75
C SER D 200 29.49 -4.97 3.26
N PRO D 201 29.40 -3.75 3.79
CA PRO D 201 29.34 -3.57 5.24
C PRO D 201 27.94 -3.68 5.83
N ASN D 202 26.92 -3.87 4.99
CA ASN D 202 25.54 -3.95 5.45
C ASN D 202 25.09 -5.38 5.76
N LYS D 203 25.97 -6.35 5.63
CA LYS D 203 25.65 -7.74 5.89
C LYS D 203 26.70 -8.36 6.82
N GLU D 204 26.27 -9.34 7.60
CA GLU D 204 27.15 -10.02 8.54
C GLU D 204 27.06 -11.51 8.33
N ILE D 205 28.15 -12.21 8.61
CA ILE D 205 28.24 -13.65 8.46
C ILE D 205 28.33 -14.25 9.86
N TYR D 206 27.32 -15.03 10.24
CA TYR D 206 27.30 -15.70 11.53
C TYR D 206 27.85 -17.10 11.33
N CYS D 207 29.09 -17.32 11.75
CA CYS D 207 29.78 -18.59 11.56
C CYS D 207 29.68 -19.42 12.82
N HIS D 208 29.11 -20.61 12.72
CA HIS D 208 28.97 -21.53 13.83
C HIS D 208 29.49 -22.90 13.43
N MET D 209 30.18 -23.56 14.36
CA MET D 209 30.78 -24.86 14.11
C MET D 209 29.93 -25.95 14.78
N THR D 210 29.54 -26.95 14.00
CA THR D 210 28.71 -28.04 14.49
C THR D 210 29.40 -29.37 14.25
N CYS D 211 29.31 -30.27 15.23
CA CYS D 211 29.88 -31.60 15.12
C CYS D 211 28.89 -32.63 14.60
N ALA D 212 27.65 -32.21 14.33
CA ALA D 212 26.57 -33.04 13.78
C ALA D 212 26.06 -34.04 14.81
N THR D 213 26.74 -34.14 15.95
CA THR D 213 26.23 -34.90 17.10
C THR D 213 25.60 -33.95 18.12
N ASP D 214 24.63 -33.16 17.66
CA ASP D 214 24.03 -32.17 18.52
C ASP D 214 22.66 -31.77 17.95
N THR D 215 21.86 -31.14 18.80
CA THR D 215 20.54 -30.64 18.41
C THR D 215 20.42 -29.14 18.68
N ASN D 216 21.55 -28.43 18.72
CA ASN D 216 21.55 -27.00 19.00
C ASN D 216 21.34 -26.14 17.76
N ASN D 217 21.32 -26.75 16.57
CA ASN D 217 21.27 -25.97 15.33
C ASN D 217 20.06 -25.07 15.27
N ALA D 218 18.93 -25.52 15.83
CA ALA D 218 17.73 -24.70 15.85
C ALA D 218 17.94 -23.43 16.66
N GLN D 219 18.63 -23.53 17.79
CA GLN D 219 18.90 -22.36 18.61
C GLN D 219 19.80 -21.37 17.87
N VAL D 220 20.84 -21.88 17.18
CA VAL D 220 21.72 -21.01 16.43
C VAL D 220 20.96 -20.29 15.33
N ILE D 221 20.11 -21.02 14.60
CA ILE D 221 19.33 -20.41 13.54
C ILE D 221 18.40 -19.34 14.12
N PHE D 222 17.75 -19.62 15.25
CA PHE D 222 16.84 -18.67 15.85
C PHE D 222 17.56 -17.40 16.30
N ASP D 223 18.71 -17.55 16.95
CA ASP D 223 19.47 -16.37 17.40
C ASP D 223 19.95 -15.54 16.22
N ALA D 224 20.48 -16.20 15.18
CA ALA D 224 20.91 -15.45 14.01
C ALA D 224 19.74 -14.74 13.35
N VAL D 225 18.58 -15.40 13.28
CA VAL D 225 17.42 -14.80 12.62
C VAL D 225 16.93 -13.59 13.40
N THR D 226 16.86 -13.68 14.73
CA THR D 226 16.38 -12.55 15.50
C THR D 226 17.38 -11.39 15.45
N ASP D 227 18.69 -11.69 15.44
CA ASP D 227 19.68 -10.64 15.29
C ASP D 227 19.54 -9.95 13.94
N ILE D 228 19.34 -10.73 12.88
CA ILE D 228 19.18 -10.15 11.55
C ILE D 228 17.93 -9.28 11.48
N ILE D 229 16.83 -9.75 12.07
CA ILE D 229 15.59 -8.98 12.06
C ILE D 229 15.77 -7.68 12.83
N ILE D 230 16.44 -7.73 13.98
CA ILE D 230 16.69 -6.52 14.76
C ILE D 230 17.52 -5.54 13.96
N ALA D 231 18.57 -6.04 13.29
CA ALA D 231 19.43 -5.16 12.51
C ALA D 231 18.66 -4.51 11.35
N ASN D 232 17.84 -5.29 10.66
CA ASN D 232 17.07 -4.74 9.54
C ASN D 232 16.06 -3.70 10.02
N ASN D 233 15.36 -4.00 11.12
CA ASN D 233 14.39 -3.06 11.67
C ASN D 233 15.08 -1.77 12.12
N LEU D 234 16.24 -1.90 12.76
CA LEU D 234 16.99 -0.74 13.21
C LEU D 234 17.53 0.08 12.05
N ARG D 235 17.85 -0.56 10.93
CA ARG D 235 18.14 0.19 9.71
C ARG D 235 16.90 0.93 9.22
N GLY D 236 15.74 0.29 9.29
CA GLY D 236 14.51 0.90 8.80
C GLY D 236 14.01 2.04 9.66
N CYS D 237 14.53 2.18 10.87
CA CYS D 237 14.11 3.25 11.77
C CYS D 237 14.92 4.53 11.61
N GLY D 238 15.82 4.58 10.62
CA GLY D 238 16.70 5.73 10.49
C GLY D 238 17.63 5.90 11.66
N LEU D 239 18.20 4.81 12.17
CA LEU D 239 18.95 4.83 13.41
C LEU D 239 20.25 4.02 13.31
N TYR D 240 20.51 3.41 12.15
CA TYR D 240 21.66 2.53 11.97
C TYR D 240 22.87 3.28 11.42
N GLU E 13 36.10 -39.22 -38.07
CA GLU E 13 35.21 -38.43 -38.92
C GLU E 13 34.61 -37.26 -38.16
N LEU E 14 34.91 -37.19 -36.87
CA LEU E 14 34.39 -36.09 -36.04
C LEU E 14 34.90 -34.75 -36.53
N ASP E 15 36.19 -34.68 -36.89
CA ASP E 15 36.73 -33.44 -37.45
C ASP E 15 36.07 -33.11 -38.78
N GLN E 16 35.80 -34.13 -39.60
CA GLN E 16 35.10 -33.90 -40.86
C GLN E 16 33.69 -33.37 -40.61
N LEU E 17 32.99 -33.92 -39.62
CA LEU E 17 31.66 -33.43 -39.29
C LEU E 17 31.69 -31.99 -38.79
N ARG E 18 32.69 -31.66 -37.95
CA ARG E 18 32.82 -30.28 -37.49
C ARG E 18 33.11 -29.33 -38.65
N GLN E 19 33.96 -29.75 -39.58
CA GLN E 19 34.24 -28.92 -40.76
C GLN E 19 32.99 -28.74 -41.61
N GLU E 20 32.19 -29.81 -41.76
CA GLU E 20 30.95 -29.69 -42.50
C GLU E 20 29.98 -28.73 -41.81
N ALA E 21 29.91 -28.79 -40.48
CA ALA E 21 29.04 -27.85 -39.76
C ALA E 21 29.51 -26.42 -39.94
N GLU E 22 30.83 -26.20 -39.89
CA GLU E 22 31.36 -24.85 -40.09
C GLU E 22 31.07 -24.36 -41.51
N GLN E 23 31.23 -25.23 -42.50
CA GLN E 23 30.92 -24.84 -43.88
C GLN E 23 29.45 -24.52 -44.06
N LEU E 24 28.57 -25.31 -43.43
CA LEU E 24 27.13 -25.01 -43.50
C LEU E 24 26.81 -23.67 -42.83
N LYS E 25 27.45 -23.39 -41.69
CA LYS E 25 27.22 -22.11 -41.03
C LYS E 25 27.70 -20.95 -41.90
N ASN E 26 28.85 -21.12 -42.56
CA ASN E 26 29.35 -20.07 -43.45
C ASN E 26 28.43 -19.88 -44.64
N GLN E 27 27.89 -20.97 -45.19
CA GLN E 27 26.92 -20.86 -46.28
C GLN E 27 25.67 -20.14 -45.83
N ILE E 28 25.20 -20.43 -44.62
CA ILE E 28 24.02 -19.76 -44.08
C ILE E 28 24.28 -18.26 -43.94
N ARG E 29 25.45 -17.91 -43.40
CA ARG E 29 25.78 -16.49 -43.23
C ARG E 29 25.88 -15.78 -44.57
N ASP E 30 26.50 -16.42 -45.56
CA ASP E 30 26.62 -15.81 -46.88
C ASP E 30 25.25 -15.62 -47.54
N ALA E 31 24.39 -16.63 -47.43
CA ALA E 31 23.05 -16.52 -48.00
C ALA E 31 22.26 -15.41 -47.33
N ARG E 32 22.34 -15.31 -46.00
CA ARG E 32 21.61 -14.27 -45.28
C ARG E 32 22.14 -12.89 -45.65
N LYS E 33 23.46 -12.75 -45.79
CA LYS E 33 24.04 -11.47 -46.17
C LYS E 33 23.85 -11.14 -47.65
N ALA E 34 23.45 -12.10 -48.47
CA ALA E 34 23.20 -11.82 -49.88
C ALA E 34 21.88 -11.10 -50.10
N CYS E 35 20.88 -11.36 -49.27
CA CYS E 35 19.55 -10.81 -49.46
C CYS E 35 19.33 -9.47 -48.77
N ALA E 36 20.32 -8.98 -48.01
CA ALA E 36 20.18 -7.71 -47.29
C ALA E 36 20.55 -6.56 -48.21
N ASP E 37 19.69 -6.33 -49.21
CA ASP E 37 19.93 -5.25 -50.16
C ASP E 37 19.83 -3.88 -49.49
N ALA E 38 18.86 -3.70 -48.61
CA ALA E 38 18.69 -2.44 -47.90
C ALA E 38 18.11 -2.72 -46.53
N THR E 39 18.33 -1.79 -45.60
CA THR E 39 17.85 -1.95 -44.24
C THR E 39 16.43 -1.40 -44.11
N LEU E 40 15.77 -1.81 -43.01
CA LEU E 40 14.41 -1.34 -42.76
C LEU E 40 14.38 0.17 -42.54
N SER E 41 15.40 0.72 -41.90
CA SER E 41 15.41 2.15 -41.61
C SER E 41 15.44 2.98 -42.89
N GLN E 42 16.23 2.56 -43.87
CA GLN E 42 16.30 3.30 -45.13
C GLN E 42 14.99 3.25 -45.89
N ILE E 43 14.12 2.31 -45.58
CA ILE E 43 12.81 2.23 -46.25
C ILE E 43 11.77 3.02 -45.47
N THR E 44 11.78 2.94 -44.15
CA THR E 44 10.78 3.61 -43.32
C THR E 44 11.18 5.03 -42.95
N ASN E 45 12.32 5.54 -43.42
CA ASN E 45 12.68 6.92 -43.17
C ASN E 45 11.74 7.91 -43.87
N ASN E 46 10.95 7.44 -44.83
CA ASN E 46 10.05 8.32 -45.58
C ASN E 46 8.67 8.43 -44.97
N ILE E 47 8.43 7.81 -43.81
CA ILE E 47 7.12 7.82 -43.17
C ILE E 47 7.18 8.76 -41.97
N ASP E 48 6.00 9.28 -41.60
CA ASP E 48 5.88 10.25 -40.52
C ASP E 48 6.01 9.56 -39.16
N PRO E 49 6.75 10.15 -38.22
CA PRO E 49 6.83 9.57 -36.89
C PRO E 49 5.51 9.65 -36.15
N VAL E 50 5.31 8.71 -35.22
CA VAL E 50 4.07 8.67 -34.45
C VAL E 50 3.95 9.82 -33.46
N GLY E 51 5.06 10.50 -33.14
CA GLY E 51 5.03 11.56 -32.16
C GLY E 51 5.02 11.04 -30.75
N ARG E 52 4.90 11.96 -29.81
CA ARG E 52 4.87 11.61 -28.40
C ARG E 52 3.61 10.80 -28.08
N ILE E 53 3.77 9.73 -27.30
CA ILE E 53 2.68 8.86 -26.92
C ILE E 53 2.64 8.83 -25.40
N GLN E 54 1.71 9.57 -24.81
CA GLN E 54 1.54 9.64 -23.37
C GLN E 54 0.36 8.78 -22.96
N MET E 55 0.60 7.84 -22.05
CA MET E 55 -0.43 6.91 -21.58
C MET E 55 -0.61 7.11 -20.08
N ARG E 56 -1.86 7.20 -19.64
CA ARG E 56 -2.18 7.45 -18.25
C ARG E 56 -2.76 6.20 -17.61
N THR E 57 -2.46 6.04 -16.31
CA THR E 57 -2.91 4.89 -15.55
C THR E 57 -4.41 5.00 -15.32
N ARG E 58 -5.20 4.27 -16.11
CA ARG E 58 -6.65 4.29 -15.95
C ARG E 58 -7.10 3.49 -14.75
N ARG E 59 -6.47 2.33 -14.51
CA ARG E 59 -6.85 1.46 -13.41
C ARG E 59 -5.60 0.99 -12.68
N THR E 60 -5.79 0.61 -11.41
CA THR E 60 -4.72 0.00 -10.63
C THR E 60 -5.32 -1.13 -9.80
N LEU E 61 -4.82 -2.33 -10.00
CA LEU E 61 -5.36 -3.53 -9.34
C LEU E 61 -4.46 -3.88 -8.17
N ARG E 62 -4.89 -3.51 -6.96
CA ARG E 62 -4.10 -3.73 -5.75
C ARG E 62 -4.69 -4.91 -4.99
N GLY E 63 -4.31 -6.11 -5.40
CA GLY E 63 -4.71 -7.31 -4.68
C GLY E 63 -3.57 -8.20 -4.26
N HIS E 64 -2.46 -8.13 -5.00
CA HIS E 64 -1.32 -9.00 -4.75
C HIS E 64 -0.43 -8.42 -3.66
N LEU E 65 0.16 -9.31 -2.87
CA LEU E 65 1.04 -8.92 -1.78
C LEU E 65 2.51 -9.25 -2.05
N ALA E 66 2.81 -10.05 -3.06
CA ALA E 66 4.16 -10.41 -3.42
C ALA E 66 4.42 -10.02 -4.88
N LYS E 67 5.66 -10.22 -5.31
CA LYS E 67 6.06 -9.82 -6.66
C LYS E 67 5.27 -10.59 -7.72
N ILE E 68 4.82 -9.87 -8.73
CA ILE E 68 4.04 -10.44 -9.84
C ILE E 68 5.00 -10.86 -10.93
N TYR E 69 4.89 -12.10 -11.40
CA TYR E 69 5.75 -12.61 -12.45
C TYR E 69 5.05 -12.88 -13.78
N ALA E 70 3.72 -12.89 -13.82
CA ALA E 70 3.06 -13.16 -15.09
C ALA E 70 1.67 -12.54 -15.09
N MET E 71 1.16 -12.34 -16.31
CA MET E 71 -0.19 -11.85 -16.54
C MET E 71 -0.61 -12.30 -17.93
N HIS E 72 -1.93 -12.38 -18.14
CA HIS E 72 -2.45 -12.72 -19.46
C HIS E 72 -3.85 -12.15 -19.60
N TRP E 73 -4.11 -11.57 -20.77
CA TRP E 73 -5.43 -11.02 -21.07
C TRP E 73 -6.34 -12.12 -21.59
N GLY E 74 -7.61 -12.06 -21.18
CA GLY E 74 -8.60 -12.91 -21.79
C GLY E 74 -8.86 -12.51 -23.23
N THR E 75 -9.38 -13.46 -24.01
CA THR E 75 -9.66 -13.17 -25.41
C THR E 75 -10.77 -12.14 -25.59
N ASP E 76 -11.52 -11.84 -24.53
CA ASP E 76 -12.58 -10.84 -24.58
C ASP E 76 -12.11 -9.45 -24.16
N SER E 77 -10.81 -9.28 -23.89
CA SER E 77 -10.19 -8.01 -23.56
C SER E 77 -10.69 -7.41 -22.25
N ARG E 78 -11.31 -8.21 -21.39
CA ARG E 78 -11.82 -7.70 -20.12
C ARG E 78 -11.29 -8.46 -18.91
N LEU E 79 -11.13 -9.78 -19.02
CA LEU E 79 -10.63 -10.58 -17.91
C LEU E 79 -9.12 -10.72 -18.02
N LEU E 80 -8.45 -10.63 -16.87
CA LEU E 80 -7.00 -10.79 -16.80
C LEU E 80 -6.67 -11.69 -15.62
N VAL E 81 -5.69 -12.57 -15.82
CA VAL E 81 -5.20 -13.46 -14.77
C VAL E 81 -3.77 -13.04 -14.43
N SER E 82 -3.49 -12.94 -13.13
CA SER E 82 -2.18 -12.52 -12.64
C SER E 82 -1.70 -13.50 -11.58
N ALA E 83 -0.42 -13.84 -11.64
CA ALA E 83 0.18 -14.81 -10.72
C ALA E 83 1.32 -14.16 -9.95
N SER E 84 1.34 -14.40 -8.64
CA SER E 84 2.39 -13.89 -7.77
C SER E 84 2.90 -15.03 -6.90
N GLN E 85 3.89 -14.71 -6.08
CA GLN E 85 4.46 -15.69 -5.16
C GLN E 85 3.76 -15.70 -3.82
N ASP E 86 2.64 -15.00 -3.69
CA ASP E 86 1.78 -15.15 -2.52
C ASP E 86 1.03 -16.48 -2.54
N GLY E 87 1.14 -17.25 -3.63
CA GLY E 87 0.40 -18.48 -3.77
C GLY E 87 -0.96 -18.33 -4.40
N LYS E 88 -1.25 -17.20 -5.04
CA LYS E 88 -2.57 -16.89 -5.54
C LYS E 88 -2.50 -16.47 -7.00
N LEU E 89 -3.45 -16.96 -7.79
CA LEU E 89 -3.69 -16.48 -9.14
C LEU E 89 -5.09 -15.88 -9.16
N ILE E 90 -5.17 -14.59 -9.42
CA ILE E 90 -6.44 -13.85 -9.32
C ILE E 90 -6.88 -13.44 -10.71
N ILE E 91 -8.13 -13.75 -11.04
CA ILE E 91 -8.73 -13.29 -12.29
C ILE E 91 -9.41 -11.96 -12.03
N TRP E 92 -9.07 -10.95 -12.82
CA TRP E 92 -9.49 -9.57 -12.59
C TRP E 92 -10.54 -9.16 -13.58
N ASP E 93 -11.41 -8.24 -13.16
CA ASP E 93 -12.32 -7.51 -14.05
C ASP E 93 -11.72 -6.13 -14.28
N SER E 94 -11.11 -5.94 -15.46
CA SER E 94 -10.37 -4.71 -15.71
C SER E 94 -11.29 -3.50 -15.71
N TYR E 95 -12.49 -3.63 -16.27
CA TYR E 95 -13.37 -2.47 -16.40
C TYR E 95 -13.80 -1.94 -15.04
N THR E 96 -14.07 -2.82 -14.09
CA THR E 96 -14.59 -2.43 -12.79
C THR E 96 -13.65 -2.72 -11.62
N THR E 97 -12.44 -3.19 -11.88
CA THR E 97 -11.40 -3.49 -10.89
C THR E 97 -11.81 -4.64 -9.98
N ASN E 98 -12.99 -5.22 -10.17
CA ASN E 98 -13.46 -6.31 -9.33
C ASN E 98 -12.61 -7.57 -9.55
N LYS E 99 -12.63 -8.45 -8.55
CA LYS E 99 -11.99 -9.76 -8.62
C LYS E 99 -13.08 -10.81 -8.75
N VAL E 100 -12.96 -11.67 -9.77
CA VAL E 100 -13.99 -12.66 -10.03
C VAL E 100 -13.58 -14.01 -9.46
N HIS E 101 -12.28 -14.24 -9.34
CA HIS E 101 -11.78 -15.51 -8.83
C HIS E 101 -10.50 -15.26 -8.06
N ALA E 102 -10.17 -16.17 -7.15
CA ALA E 102 -8.91 -16.15 -6.41
C ALA E 102 -8.50 -17.60 -6.18
N ILE E 103 -7.53 -18.06 -6.97
CA ILE E 103 -7.16 -19.47 -7.02
C ILE E 103 -5.90 -19.66 -6.18
N PRO E 104 -5.95 -20.45 -5.11
CA PRO E 104 -4.73 -20.77 -4.36
C PRO E 104 -3.94 -21.88 -5.04
N LEU E 105 -2.64 -21.66 -5.16
CA LEU E 105 -1.75 -22.60 -5.84
C LEU E 105 -1.04 -23.47 -4.83
N ARG E 106 -0.76 -24.73 -5.23
CA ARG E 106 -0.03 -25.63 -4.36
C ARG E 106 1.39 -25.14 -4.11
N SER E 107 2.06 -24.66 -5.15
CA SER E 107 3.43 -24.16 -5.05
C SER E 107 3.44 -22.68 -5.38
N SER E 108 4.06 -21.88 -4.51
CA SER E 108 4.09 -20.44 -4.67
C SER E 108 5.23 -19.95 -5.53
N TRP E 109 6.06 -20.84 -6.06
CA TRP E 109 7.18 -20.47 -6.92
C TRP E 109 6.77 -20.55 -8.38
N VAL E 110 5.80 -19.71 -8.74
CA VAL E 110 5.20 -19.72 -10.07
C VAL E 110 5.73 -18.55 -10.88
N MET E 111 6.20 -18.83 -12.09
CA MET E 111 6.82 -17.83 -12.93
C MET E 111 6.10 -17.65 -14.27
N THR E 112 4.90 -18.20 -14.40
CA THR E 112 4.15 -18.06 -15.64
C THR E 112 2.67 -18.29 -15.36
N CYS E 113 1.84 -17.81 -16.28
CA CYS E 113 0.39 -18.03 -16.23
C CYS E 113 -0.15 -17.83 -17.63
N ALA E 114 -1.32 -18.43 -17.89
CA ALA E 114 -1.95 -18.34 -19.20
C ALA E 114 -3.45 -18.36 -19.05
N TYR E 115 -4.13 -17.79 -20.05
CA TYR E 115 -5.58 -17.74 -20.12
C TYR E 115 -6.00 -18.41 -21.42
N ALA E 116 -6.89 -19.39 -21.32
CA ALA E 116 -7.32 -20.11 -22.50
C ALA E 116 -8.11 -19.19 -23.42
N PRO E 117 -7.98 -19.36 -24.75
CA PRO E 117 -8.73 -18.50 -25.67
C PRO E 117 -10.24 -18.61 -25.50
N SER E 118 -10.75 -19.79 -25.15
CA SER E 118 -12.17 -19.93 -24.88
C SER E 118 -12.56 -19.24 -23.57
N GLY E 119 -11.67 -19.27 -22.58
CA GLY E 119 -11.93 -18.65 -21.30
C GLY E 119 -12.35 -19.58 -20.19
N ASN E 120 -12.43 -20.89 -20.46
CA ASN E 120 -12.83 -21.85 -19.45
C ASN E 120 -11.67 -22.35 -18.60
N TYR E 121 -10.43 -22.09 -19.00
CA TYR E 121 -9.27 -22.66 -18.33
C TYR E 121 -8.20 -21.60 -18.12
N VAL E 122 -7.37 -21.83 -17.11
CA VAL E 122 -6.13 -21.08 -16.91
C VAL E 122 -5.03 -22.09 -16.62
N ALA E 123 -3.79 -21.71 -16.92
CA ALA E 123 -2.62 -22.52 -16.62
C ALA E 123 -1.66 -21.74 -15.74
N CYS E 124 -0.80 -22.47 -15.03
CA CYS E 124 0.15 -21.83 -14.13
C CYS E 124 1.27 -22.82 -13.84
N GLY E 125 2.51 -22.34 -13.94
CA GLY E 125 3.67 -23.18 -13.67
C GLY E 125 4.81 -22.36 -13.13
N GLY E 126 5.86 -23.06 -12.71
CA GLY E 126 7.02 -22.40 -12.15
C GLY E 126 8.15 -23.34 -11.77
N LEU E 127 8.74 -23.12 -10.60
CA LEU E 127 9.89 -23.89 -10.16
C LEU E 127 9.55 -25.33 -9.80
N ASP E 128 8.27 -25.69 -9.73
CA ASP E 128 7.86 -27.04 -9.39
C ASP E 128 7.86 -27.98 -10.58
N ASN E 129 8.22 -27.50 -11.77
CA ASN E 129 8.36 -28.30 -12.98
C ASN E 129 7.03 -28.90 -13.44
N ILE E 130 5.91 -28.40 -12.92
CA ILE E 130 4.59 -28.93 -13.25
C ILE E 130 3.72 -27.80 -13.73
N CYS E 131 3.02 -28.03 -14.85
CA CYS E 131 2.04 -27.10 -15.38
C CYS E 131 0.65 -27.55 -14.95
N SER E 132 -0.07 -26.67 -14.26
CA SER E 132 -1.36 -27.01 -13.67
C SER E 132 -2.47 -26.31 -14.43
N ILE E 133 -3.50 -27.06 -14.81
CA ILE E 133 -4.66 -26.55 -15.53
C ILE E 133 -5.83 -26.48 -14.55
N TYR E 134 -6.51 -25.34 -14.51
CA TYR E 134 -7.64 -25.12 -13.62
C TYR E 134 -8.91 -24.93 -14.42
N ASN E 135 -9.99 -25.57 -13.97
CA ASN E 135 -11.29 -25.48 -14.62
C ASN E 135 -12.09 -24.34 -13.99
N LEU E 136 -12.40 -23.31 -14.77
CA LEU E 136 -13.08 -22.14 -14.23
C LEU E 136 -14.61 -22.32 -14.22
N LYS E 137 -15.15 -23.11 -15.14
CA LYS E 137 -16.59 -23.24 -15.31
C LYS E 137 -17.13 -24.55 -14.75
N THR E 138 -16.61 -24.99 -13.61
CA THR E 138 -17.07 -26.23 -13.01
C THR E 138 -18.53 -26.10 -12.56
N ARG E 139 -19.27 -27.20 -12.68
CA ARG E 139 -20.67 -27.22 -12.26
C ARG E 139 -20.81 -27.13 -10.74
N GLU E 140 -19.76 -27.46 -9.99
CA GLU E 140 -19.79 -27.45 -8.53
C GLU E 140 -19.64 -26.05 -7.94
N GLY E 141 -19.33 -25.04 -8.75
CA GLY E 141 -19.28 -23.68 -8.28
C GLY E 141 -17.91 -23.13 -8.00
N ASN E 142 -16.94 -24.01 -7.73
CA ASN E 142 -15.58 -23.60 -7.41
C ASN E 142 -14.64 -23.90 -8.58
N VAL E 143 -13.41 -23.45 -8.44
CA VAL E 143 -12.36 -23.70 -9.43
C VAL E 143 -11.54 -24.89 -8.97
N ARG E 144 -11.37 -25.88 -9.83
CA ARG E 144 -10.69 -27.11 -9.50
C ARG E 144 -9.58 -27.38 -10.50
N VAL E 145 -8.56 -28.10 -10.05
CA VAL E 145 -7.42 -28.46 -10.88
C VAL E 145 -7.85 -29.62 -11.79
N SER E 146 -7.97 -29.35 -13.08
CA SER E 146 -8.35 -30.40 -14.02
C SER E 146 -7.18 -31.33 -14.33
N ARG E 147 -5.96 -30.79 -14.41
CA ARG E 147 -4.82 -31.58 -14.82
C ARG E 147 -3.55 -30.99 -14.23
N GLU E 148 -2.56 -31.86 -13.99
CA GLU E 148 -1.22 -31.45 -13.55
C GLU E 148 -0.22 -32.16 -14.45
N LEU E 149 0.35 -31.42 -15.39
CA LEU E 149 1.26 -31.98 -16.39
C LEU E 149 2.69 -31.95 -15.85
N ALA E 150 3.30 -33.12 -15.69
CA ALA E 150 4.64 -33.24 -15.13
C ALA E 150 5.50 -34.08 -16.08
N GLY E 151 6.28 -33.41 -16.93
CA GLY E 151 7.18 -34.10 -17.82
C GLY E 151 8.48 -33.35 -18.04
N HIS E 152 8.65 -32.24 -17.34
CA HIS E 152 9.83 -31.39 -17.48
C HIS E 152 10.76 -31.61 -16.29
N THR E 153 12.06 -31.64 -16.57
CA THR E 153 13.07 -31.74 -15.53
C THR E 153 13.58 -30.39 -15.06
N GLY E 154 13.08 -29.30 -15.64
CA GLY E 154 13.46 -27.97 -15.22
C GLY E 154 12.24 -27.09 -15.04
N TYR E 155 12.46 -25.91 -14.48
CA TYR E 155 11.37 -24.98 -14.24
C TYR E 155 10.67 -24.61 -15.55
N LEU E 156 9.35 -24.50 -15.48
CA LEU E 156 8.57 -24.07 -16.64
C LEU E 156 8.58 -22.54 -16.70
N SER E 157 9.11 -21.99 -17.78
CA SER E 157 9.25 -20.55 -17.91
C SER E 157 8.12 -19.90 -18.70
N CYS E 158 7.37 -20.67 -19.48
CA CYS E 158 6.25 -20.13 -20.24
C CYS E 158 5.30 -21.25 -20.60
N CYS E 159 4.07 -20.87 -20.93
CA CYS E 159 3.05 -21.81 -21.36
C CYS E 159 1.98 -21.05 -22.13
N ARG E 160 1.43 -21.69 -23.16
CA ARG E 160 0.44 -21.05 -24.01
C ARG E 160 -0.60 -22.08 -24.45
N PHE E 161 -1.85 -21.66 -24.49
CA PHE E 161 -2.97 -22.53 -24.84
C PHE E 161 -3.21 -22.48 -26.34
N LEU E 162 -2.99 -23.62 -27.01
CA LEU E 162 -3.38 -23.74 -28.41
C LEU E 162 -4.89 -23.74 -28.55
N ASP E 163 -5.57 -24.56 -27.75
CA ASP E 163 -7.03 -24.60 -27.68
C ASP E 163 -7.38 -25.14 -26.30
N ASP E 164 -8.64 -25.56 -26.13
CA ASP E 164 -9.09 -26.06 -24.83
C ASP E 164 -8.41 -27.36 -24.44
N ASN E 165 -7.76 -28.06 -25.38
CA ASN E 165 -7.25 -29.40 -25.11
C ASN E 165 -5.75 -29.54 -25.17
N GLN E 166 -5.04 -28.70 -25.92
CA GLN E 166 -3.59 -28.81 -26.05
C GLN E 166 -2.92 -27.51 -25.64
N ILE E 167 -1.79 -27.65 -24.95
CA ILE E 167 -1.03 -26.52 -24.42
C ILE E 167 0.45 -26.78 -24.64
N VAL E 168 1.17 -25.75 -25.08
CA VAL E 168 2.60 -25.83 -25.34
C VAL E 168 3.34 -25.15 -24.20
N THR E 169 4.34 -25.83 -23.65
CA THR E 169 5.10 -25.33 -22.52
C THR E 169 6.57 -25.19 -22.88
N SER E 170 7.22 -24.21 -22.26
CA SER E 170 8.64 -23.97 -22.40
C SER E 170 9.30 -24.12 -21.03
N SER E 171 10.38 -24.89 -20.97
CA SER E 171 11.00 -25.22 -19.71
C SER E 171 12.46 -24.79 -19.69
N GLY E 172 13.02 -24.76 -18.48
CA GLY E 172 14.41 -24.40 -18.28
C GLY E 172 15.41 -25.50 -18.50
N ASP E 173 14.95 -26.68 -18.91
CA ASP E 173 15.85 -27.77 -19.26
C ASP E 173 16.15 -27.83 -20.75
N THR E 174 16.15 -26.67 -21.42
CA THR E 174 16.51 -26.55 -22.83
C THR E 174 15.55 -27.32 -23.75
N THR E 175 14.28 -27.44 -23.34
CA THR E 175 13.29 -28.13 -24.16
C THR E 175 11.97 -27.38 -24.12
N CYS E 176 11.21 -27.51 -25.21
CA CYS E 176 9.82 -27.09 -25.28
C CYS E 176 8.99 -28.31 -25.65
N ALA E 177 7.80 -28.41 -25.06
CA ALA E 177 6.96 -29.58 -25.25
C ALA E 177 5.55 -29.16 -25.63
N LEU E 178 4.87 -30.05 -26.35
CA LEU E 178 3.46 -29.89 -26.67
C LEU E 178 2.67 -30.98 -25.95
N TRP E 179 1.64 -30.59 -25.23
CA TRP E 179 0.91 -31.49 -24.34
C TRP E 179 -0.48 -31.78 -24.87
N ASP E 180 -1.10 -32.80 -24.28
CA ASP E 180 -2.50 -33.12 -24.49
C ASP E 180 -3.16 -33.17 -23.12
N ILE E 181 -3.94 -32.13 -22.80
CA ILE E 181 -4.45 -31.99 -21.44
C ILE E 181 -5.41 -33.12 -21.07
N GLU E 182 -6.05 -33.73 -22.07
CA GLU E 182 -6.98 -34.82 -21.79
C GLU E 182 -6.27 -36.02 -21.20
N THR E 183 -5.10 -36.37 -21.73
CA THR E 183 -4.35 -37.53 -21.26
C THR E 183 -3.12 -37.17 -20.43
N GLY E 184 -2.56 -36.00 -20.63
CA GLY E 184 -1.39 -35.58 -19.85
C GLY E 184 -0.07 -36.13 -20.32
N GLN E 185 0.05 -36.46 -21.60
CA GLN E 185 1.28 -36.99 -22.18
C GLN E 185 1.78 -36.07 -23.27
N GLN E 186 3.09 -35.84 -23.31
CA GLN E 186 3.70 -34.93 -24.27
C GLN E 186 3.48 -35.46 -25.69
N THR E 187 2.67 -34.74 -26.46
CA THR E 187 2.46 -35.12 -27.86
C THR E 187 3.75 -34.98 -28.66
N THR E 188 4.46 -33.87 -28.49
CA THR E 188 5.70 -33.60 -29.20
C THR E 188 6.66 -32.89 -28.28
N THR E 189 7.95 -33.26 -28.35
CA THR E 189 9.01 -32.62 -27.59
C THR E 189 9.96 -31.94 -28.57
N PHE E 190 10.19 -30.65 -28.37
CA PHE E 190 11.07 -29.86 -29.22
C PHE E 190 12.43 -29.75 -28.56
N THR E 191 13.48 -30.17 -29.25
CA THR E 191 14.83 -30.15 -28.73
C THR E 191 15.75 -29.43 -29.71
N GLY E 192 16.83 -28.87 -29.19
CA GLY E 192 17.81 -28.19 -30.02
C GLY E 192 18.41 -26.98 -29.34
N HIS E 193 17.74 -26.44 -28.33
CA HIS E 193 18.26 -25.29 -27.61
C HIS E 193 19.42 -25.71 -26.72
N THR E 194 20.39 -24.82 -26.57
CA THR E 194 21.54 -25.08 -25.72
C THR E 194 21.38 -24.57 -24.30
N GLY E 195 20.57 -23.52 -24.11
CA GLY E 195 20.33 -22.98 -22.78
C GLY E 195 18.86 -23.05 -22.42
N ASP E 196 18.55 -22.50 -21.25
CA ASP E 196 17.19 -22.54 -20.75
C ASP E 196 16.27 -21.72 -21.65
N VAL E 197 15.14 -22.32 -22.04
CA VAL E 197 14.14 -21.61 -22.81
C VAL E 197 13.31 -20.75 -21.86
N MET E 198 13.38 -19.43 -22.05
CA MET E 198 12.79 -18.49 -21.11
C MET E 198 11.53 -17.80 -21.62
N SER E 199 11.20 -17.95 -22.90
CA SER E 199 10.03 -17.29 -23.47
C SER E 199 9.47 -18.13 -24.61
N LEU E 200 8.30 -17.73 -25.07
CA LEU E 200 7.54 -18.49 -26.06
C LEU E 200 6.38 -17.65 -26.54
N SER E 201 6.05 -17.75 -27.82
CA SER E 201 4.91 -17.01 -28.37
C SER E 201 4.37 -17.75 -29.58
N LEU E 202 3.10 -18.14 -29.52
CA LEU E 202 2.46 -18.84 -30.63
C LEU E 202 2.00 -17.84 -31.68
N ALA E 203 2.06 -18.28 -32.94
CA ALA E 203 1.70 -17.42 -34.06
C ALA E 203 0.19 -17.19 -34.09
N PRO E 204 -0.26 -16.11 -34.75
CA PRO E 204 -1.70 -15.89 -34.90
C PRO E 204 -2.44 -17.06 -35.53
N ASP E 205 -1.83 -17.74 -36.51
CA ASP E 205 -2.44 -18.93 -37.10
C ASP E 205 -2.28 -20.17 -36.21
N THR E 206 -1.45 -20.10 -35.18
CA THR E 206 -1.28 -21.17 -34.19
C THR E 206 -0.80 -22.46 -34.85
N ARG E 207 -0.02 -22.34 -35.92
CA ARG E 207 0.61 -23.50 -36.54
C ARG E 207 2.11 -23.58 -36.28
N LEU E 208 2.71 -22.50 -35.79
CA LEU E 208 4.13 -22.46 -35.49
C LEU E 208 4.37 -21.42 -34.39
N PHE E 209 5.51 -21.55 -33.71
CA PHE E 209 5.81 -20.67 -32.60
C PHE E 209 7.32 -20.51 -32.48
N VAL E 210 7.72 -19.45 -31.77
CA VAL E 210 9.12 -19.14 -31.55
C VAL E 210 9.41 -19.22 -30.05
N SER E 211 10.64 -19.64 -29.73
CA SER E 211 11.09 -19.72 -28.34
C SER E 211 12.44 -19.05 -28.21
N GLY E 212 12.58 -18.18 -27.22
CA GLY E 212 13.82 -17.51 -26.94
C GLY E 212 14.49 -18.14 -25.74
N ALA E 213 15.74 -18.54 -25.92
CA ALA E 213 16.49 -19.25 -24.89
C ALA E 213 17.64 -18.39 -24.38
N CYS E 214 18.39 -18.95 -23.44
CA CYS E 214 19.53 -18.26 -22.84
C CYS E 214 20.82 -18.44 -23.63
N ASP E 215 20.78 -19.20 -24.74
CA ASP E 215 21.93 -19.32 -25.62
C ASP E 215 21.98 -18.19 -26.65
N ALA E 216 21.29 -17.08 -26.39
CA ALA E 216 21.27 -15.92 -27.27
C ALA E 216 20.81 -16.28 -28.68
N SER E 217 19.80 -17.16 -28.77
CA SER E 217 19.25 -17.57 -30.05
C SER E 217 17.76 -17.80 -29.91
N ALA E 218 17.04 -17.63 -31.00
CA ALA E 218 15.59 -17.88 -31.06
C ALA E 218 15.32 -18.82 -32.22
N LYS E 219 14.68 -19.95 -31.92
CA LYS E 219 14.39 -20.97 -32.92
C LYS E 219 12.91 -20.95 -33.27
N LEU E 220 12.61 -21.16 -34.54
CA LEU E 220 11.24 -21.17 -35.04
C LEU E 220 10.80 -22.62 -35.19
N TRP E 221 9.95 -23.07 -34.27
CA TRP E 221 9.41 -24.42 -34.33
C TRP E 221 8.09 -24.42 -35.11
N ASP E 222 7.53 -25.62 -35.26
CA ASP E 222 6.16 -25.76 -35.72
C ASP E 222 5.55 -26.98 -35.03
N VAL E 223 4.33 -26.82 -34.51
CA VAL E 223 3.77 -27.81 -33.61
C VAL E 223 3.45 -29.11 -34.33
N ARG E 224 3.07 -29.03 -35.61
CA ARG E 224 2.57 -30.23 -36.30
C ARG E 224 3.66 -31.28 -36.48
N GLU E 225 4.83 -30.89 -37.00
CA GLU E 225 5.88 -31.85 -37.26
C GLU E 225 7.01 -31.83 -36.24
N GLY E 226 7.18 -30.74 -35.50
CA GLY E 226 8.18 -30.70 -34.45
C GLY E 226 9.61 -30.54 -34.92
N MET E 227 9.83 -29.85 -36.04
CA MET E 227 11.16 -29.62 -36.57
C MET E 227 11.48 -28.13 -36.55
N CYS E 228 12.66 -27.79 -36.07
CA CYS E 228 13.08 -26.39 -35.99
C CYS E 228 13.27 -25.86 -37.40
N ARG E 229 12.29 -25.09 -37.87
CA ARG E 229 12.33 -24.60 -39.25
C ARG E 229 13.47 -23.60 -39.47
N GLN E 230 13.68 -22.69 -38.52
CA GLN E 230 14.68 -21.65 -38.67
C GLN E 230 15.30 -21.34 -37.32
N THR E 231 16.49 -20.76 -37.36
CA THR E 231 17.20 -20.33 -36.16
C THR E 231 17.72 -18.92 -36.36
N PHE E 232 17.42 -18.03 -35.40
CA PHE E 232 17.83 -16.64 -35.46
C PHE E 232 18.77 -16.36 -34.30
N THR E 233 19.92 -15.77 -34.59
CA THR E 233 20.93 -15.49 -33.56
C THR E 233 21.56 -14.13 -33.87
N GLY E 234 21.15 -13.11 -33.11
CA GLY E 234 21.73 -11.79 -33.25
C GLY E 234 22.06 -11.13 -31.93
N HIS E 235 21.57 -11.73 -30.83
CA HIS E 235 21.75 -11.13 -29.52
C HIS E 235 23.11 -11.49 -28.94
N GLU E 236 23.47 -10.82 -27.84
CA GLU E 236 24.73 -11.05 -27.17
C GLU E 236 24.58 -11.71 -25.80
N SER E 237 23.36 -11.79 -25.26
CA SER E 237 23.14 -12.35 -23.93
C SER E 237 21.83 -13.13 -23.95
N ASP E 238 21.38 -13.52 -22.76
CA ASP E 238 20.20 -14.35 -22.64
C ASP E 238 18.94 -13.60 -23.09
N ILE E 239 18.06 -14.29 -23.80
CA ILE E 239 16.80 -13.72 -24.26
C ILE E 239 15.75 -13.95 -23.19
N ASN E 240 15.05 -12.87 -22.80
CA ASN E 240 14.07 -12.94 -21.73
C ASN E 240 12.63 -12.87 -22.20
N ALA E 241 12.37 -12.39 -23.42
CA ALA E 241 11.00 -12.25 -23.90
C ALA E 241 10.98 -12.33 -25.42
N ILE E 242 9.82 -12.69 -25.95
CA ILE E 242 9.61 -12.79 -27.39
C ILE E 242 8.13 -12.59 -27.67
N CYS E 243 7.82 -12.06 -28.84
CA CYS E 243 6.43 -11.78 -29.19
C CYS E 243 6.32 -11.74 -30.70
N PHE E 244 5.24 -12.32 -31.23
CA PHE E 244 5.01 -12.33 -32.66
C PHE E 244 4.42 -11.01 -33.14
N PHE E 245 4.91 -10.54 -34.28
CA PHE E 245 4.30 -9.41 -34.95
C PHE E 245 2.88 -9.77 -35.35
N PRO E 246 1.95 -8.82 -35.33
CA PRO E 246 0.54 -9.16 -35.64
C PRO E 246 0.36 -9.80 -37.01
N ASN E 247 1.20 -9.46 -37.99
CA ASN E 247 1.10 -10.11 -39.29
C ASN E 247 1.45 -11.58 -39.22
N GLY E 248 2.24 -11.97 -38.21
CA GLY E 248 2.68 -13.34 -38.06
C GLY E 248 3.93 -13.69 -38.83
N ASN E 249 4.52 -12.75 -39.57
CA ASN E 249 5.71 -12.99 -40.36
C ASN E 249 6.97 -12.39 -39.73
N ALA E 250 6.89 -11.94 -38.48
CA ALA E 250 8.03 -11.35 -37.81
C ALA E 250 7.83 -11.48 -36.31
N PHE E 251 8.91 -11.27 -35.57
CA PHE E 251 8.84 -11.29 -34.12
C PHE E 251 9.95 -10.42 -33.55
N ALA E 252 9.75 -9.97 -32.31
CA ALA E 252 10.70 -9.13 -31.61
C ALA E 252 11.11 -9.82 -30.31
N THR E 253 12.41 -9.84 -30.04
CA THR E 253 12.96 -10.51 -28.87
C THR E 253 13.79 -9.52 -28.07
N GLY E 254 13.48 -9.38 -26.79
CA GLY E 254 14.23 -8.52 -25.88
C GLY E 254 15.08 -9.34 -24.94
N SER E 255 16.37 -9.03 -24.91
CA SER E 255 17.35 -9.80 -24.16
C SER E 255 17.84 -9.00 -22.96
N ASP E 256 18.74 -9.62 -22.18
CA ASP E 256 19.40 -8.95 -21.07
C ASP E 256 20.55 -8.08 -21.51
N ASP E 257 20.82 -8.00 -22.82
CA ASP E 257 21.83 -7.11 -23.38
C ASP E 257 21.35 -5.67 -23.49
N ALA E 258 20.26 -5.32 -22.81
CA ALA E 258 19.67 -3.98 -22.85
C ALA E 258 19.27 -3.58 -24.26
N THR E 259 18.83 -4.55 -25.06
CA THR E 259 18.41 -4.29 -26.43
C THR E 259 17.34 -5.28 -26.82
N CYS E 260 16.52 -4.89 -27.79
CA CYS E 260 15.55 -5.77 -28.41
C CYS E 260 15.67 -5.64 -29.92
N ARG E 261 15.44 -6.74 -30.64
CA ARG E 261 15.66 -6.78 -32.07
C ARG E 261 14.44 -7.37 -32.76
N LEU E 262 14.22 -6.93 -33.99
CA LEU E 262 13.10 -7.39 -34.80
C LEU E 262 13.64 -8.33 -35.88
N PHE E 263 13.15 -9.56 -35.88
CA PHE E 263 13.59 -10.58 -36.83
C PHE E 263 12.46 -10.87 -37.81
N ASP E 264 12.83 -11.10 -39.07
CA ASP E 264 11.88 -11.38 -40.14
C ASP E 264 11.96 -12.85 -40.52
N LEU E 265 10.81 -13.51 -40.55
CA LEU E 265 10.78 -14.94 -40.83
C LEU E 265 11.22 -15.24 -42.27
N ARG E 266 10.68 -14.49 -43.24
CA ARG E 266 10.99 -14.76 -44.64
C ARG E 266 12.37 -14.26 -45.03
N ALA E 267 12.77 -13.09 -44.51
CA ALA E 267 14.11 -12.59 -44.77
C ALA E 267 15.17 -13.35 -43.98
N ASP E 268 14.76 -14.00 -42.88
CA ASP E 268 15.57 -14.91 -42.07
C ASP E 268 16.66 -14.20 -41.28
N GLN E 269 16.64 -12.88 -41.17
CA GLN E 269 17.66 -12.15 -40.43
C GLN E 269 17.04 -10.97 -39.70
N GLU E 270 17.81 -10.38 -38.80
CA GLU E 270 17.35 -9.24 -38.03
C GLU E 270 17.14 -8.03 -38.92
N LEU E 271 16.15 -7.21 -38.57
CA LEU E 271 15.79 -6.03 -39.33
C LEU E 271 16.17 -4.73 -38.62
N MET E 272 15.83 -4.60 -37.35
CA MET E 272 16.17 -3.40 -36.59
C MET E 272 16.43 -3.78 -35.14
N THR E 273 17.17 -2.91 -34.46
CA THR E 273 17.45 -3.06 -33.03
C THR E 273 17.08 -1.78 -32.30
N TYR E 274 16.51 -1.93 -31.11
CA TYR E 274 15.97 -0.82 -30.34
C TYR E 274 16.81 -0.66 -29.08
N SER E 275 17.85 0.16 -29.18
CA SER E 275 18.79 0.38 -28.09
C SER E 275 18.94 1.88 -27.84
N HIS E 276 19.24 2.23 -26.59
CA HIS E 276 19.51 3.60 -26.20
C HIS E 276 20.74 3.64 -25.31
N ASP E 277 21.46 4.75 -25.38
CA ASP E 277 22.72 4.88 -24.63
C ASP E 277 22.48 4.84 -23.13
N ASN E 278 21.43 5.52 -22.66
CA ASN E 278 21.15 5.59 -21.24
C ASN E 278 20.36 4.39 -20.71
N ILE E 279 20.28 3.30 -21.48
CA ILE E 279 19.61 2.08 -21.06
C ILE E 279 20.68 1.02 -20.80
N ILE E 280 20.71 0.50 -19.58
CA ILE E 280 21.68 -0.52 -19.21
C ILE E 280 20.95 -1.79 -18.80
N CYS E 281 19.75 -1.65 -18.27
CA CYS E 281 18.99 -2.79 -17.78
C CYS E 281 18.49 -3.64 -18.94
N GLY E 282 18.35 -4.95 -18.68
CA GLY E 282 17.85 -5.86 -19.69
C GLY E 282 16.33 -5.90 -19.73
N ILE E 283 15.82 -6.31 -20.90
CA ILE E 283 14.38 -6.39 -21.09
C ILE E 283 13.81 -7.52 -20.26
N THR E 284 12.59 -7.33 -19.78
CA THR E 284 11.85 -8.38 -19.09
C THR E 284 10.61 -8.85 -19.84
N SER E 285 10.03 -8.00 -20.67
CA SER E 285 8.84 -8.34 -21.43
C SER E 285 8.84 -7.54 -22.73
N VAL E 286 8.24 -8.12 -23.76
CA VAL E 286 8.07 -7.44 -25.04
C VAL E 286 6.65 -7.69 -25.53
N SER E 287 6.01 -6.65 -26.05
CA SER E 287 4.67 -6.77 -26.60
C SER E 287 4.49 -5.74 -27.69
N PHE E 288 3.60 -6.06 -28.63
CA PHE E 288 3.33 -5.20 -29.79
C PHE E 288 1.99 -4.52 -29.64
N SER E 289 1.72 -3.59 -30.56
CA SER E 289 0.43 -2.94 -30.63
C SER E 289 -0.49 -3.70 -31.58
N LYS E 290 -1.76 -3.31 -31.59
CA LYS E 290 -2.74 -4.00 -32.43
C LYS E 290 -2.37 -3.89 -33.90
N SER E 291 -1.90 -2.72 -34.32
CA SER E 291 -1.48 -2.50 -35.70
C SER E 291 -0.03 -2.88 -35.95
N GLY E 292 0.71 -3.24 -34.90
CA GLY E 292 2.11 -3.57 -35.05
C GLY E 292 3.04 -2.39 -35.18
N ARG E 293 2.60 -1.19 -34.80
CA ARG E 293 3.42 0.00 -34.95
C ARG E 293 4.22 0.34 -33.70
N LEU E 294 3.71 0.01 -32.52
CA LEU E 294 4.41 0.27 -31.27
C LEU E 294 4.92 -1.04 -30.68
N LEU E 295 6.07 -0.98 -30.04
CA LEU E 295 6.69 -2.13 -29.39
C LEU E 295 6.95 -1.75 -27.94
N LEU E 296 6.02 -2.07 -27.05
CA LEU E 296 6.15 -1.74 -25.64
C LEU E 296 6.99 -2.81 -24.96
N ALA E 297 8.16 -2.41 -24.47
CA ALA E 297 9.11 -3.32 -23.84
C ALA E 297 9.28 -2.95 -22.38
N GLY E 298 9.14 -3.92 -21.49
CA GLY E 298 9.34 -3.69 -20.07
C GLY E 298 10.79 -3.90 -19.67
N TYR E 299 11.27 -3.00 -18.82
CA TYR E 299 12.68 -2.96 -18.46
C TYR E 299 12.86 -3.18 -16.96
N ASP E 300 14.05 -3.68 -16.61
CA ASP E 300 14.42 -3.81 -15.20
C ASP E 300 14.71 -2.48 -14.54
N ASP E 301 14.75 -1.39 -15.31
CA ASP E 301 14.98 -0.04 -14.80
C ASP E 301 13.71 0.60 -14.25
N PHE E 302 12.70 -0.20 -13.92
CA PHE E 302 11.45 0.20 -13.29
C PHE E 302 10.49 0.90 -14.24
N ASN E 303 10.81 0.97 -15.52
CA ASN E 303 10.00 1.70 -16.48
C ASN E 303 9.78 0.85 -17.73
N CYS E 304 8.74 1.22 -18.49
CA CYS E 304 8.43 0.58 -19.76
C CYS E 304 8.52 1.62 -20.86
N ASN E 305 9.21 1.28 -21.95
CA ASN E 305 9.43 2.19 -23.06
C ASN E 305 8.61 1.76 -24.26
N VAL E 306 8.12 2.75 -25.01
CA VAL E 306 7.34 2.50 -26.22
C VAL E 306 8.21 2.87 -27.42
N TRP E 307 8.45 1.91 -28.30
CA TRP E 307 9.35 2.07 -29.43
C TRP E 307 8.56 2.13 -30.72
N ASP E 308 8.88 3.11 -31.57
CA ASP E 308 8.31 3.19 -32.91
C ASP E 308 8.96 2.10 -33.73
N ALA E 309 8.29 0.94 -33.85
CA ALA E 309 8.92 -0.26 -34.38
C ALA E 309 9.39 -0.11 -35.83
N LEU E 310 8.83 0.84 -36.58
CA LEU E 310 9.26 1.02 -37.96
C LEU E 310 10.44 1.97 -38.09
N LYS E 311 10.62 2.89 -37.14
CA LYS E 311 11.72 3.84 -37.18
C LYS E 311 12.75 3.63 -36.09
N ALA E 312 12.47 2.74 -35.13
CA ALA E 312 13.41 2.41 -34.05
C ALA E 312 13.78 3.63 -33.22
N ASP E 313 12.81 4.52 -33.00
CA ASP E 313 12.99 5.69 -32.16
C ASP E 313 11.97 5.65 -31.04
N ARG E 314 12.40 6.00 -29.83
CA ARG E 314 11.52 5.95 -28.68
C ARG E 314 10.39 6.95 -28.80
N ALA E 315 9.19 6.55 -28.38
CA ALA E 315 8.02 7.39 -28.49
C ALA E 315 7.36 7.71 -27.15
N GLY E 316 7.83 7.13 -26.06
CA GLY E 316 7.24 7.42 -24.77
C GLY E 316 7.78 6.50 -23.71
N VAL E 317 7.40 6.80 -22.47
CA VAL E 317 7.81 6.02 -21.30
C VAL E 317 6.61 5.82 -20.41
N LEU E 318 6.37 4.58 -20.00
CA LEU E 318 5.26 4.26 -19.10
C LEU E 318 5.78 4.16 -17.67
N ALA E 319 6.28 5.29 -17.18
CA ALA E 319 6.79 5.37 -15.81
C ALA E 319 5.64 5.43 -14.81
N GLY E 320 5.91 4.93 -13.61
CA GLY E 320 4.89 4.88 -12.59
C GLY E 320 4.90 3.61 -11.77
N HIS E 321 5.87 2.74 -12.05
CA HIS E 321 6.05 1.50 -11.30
C HIS E 321 7.24 1.65 -10.36
N ASP E 322 7.10 1.12 -9.14
CA ASP E 322 8.10 1.28 -8.11
C ASP E 322 9.12 0.14 -8.07
N ASN E 323 9.04 -0.81 -9.00
CA ASN E 323 9.99 -1.91 -9.06
C ASN E 323 10.07 -2.39 -10.50
N ARG E 324 10.90 -3.41 -10.73
CA ARG E 324 11.07 -3.95 -12.07
C ARG E 324 9.76 -4.51 -12.58
N VAL E 325 9.40 -4.14 -13.80
CA VAL E 325 8.17 -4.66 -14.42
C VAL E 325 8.49 -6.04 -14.99
N SER E 326 7.70 -7.03 -14.58
CA SER E 326 7.98 -8.42 -14.95
C SER E 326 7.13 -8.92 -16.10
N CYS E 327 5.96 -8.31 -16.33
CA CYS E 327 5.07 -8.76 -17.40
C CYS E 327 4.39 -7.57 -18.03
N LEU E 328 4.08 -7.70 -19.31
CA LEU E 328 3.36 -6.67 -20.05
C LEU E 328 2.45 -7.36 -21.06
N GLY E 329 1.24 -6.81 -21.23
CA GLY E 329 0.30 -7.39 -22.15
C GLY E 329 -0.63 -6.36 -22.77
N VAL E 330 -0.98 -6.55 -24.04
CA VAL E 330 -1.87 -5.66 -24.77
C VAL E 330 -3.12 -6.44 -25.13
N THR E 331 -4.28 -5.87 -24.86
CA THR E 331 -5.55 -6.54 -25.13
C THR E 331 -5.69 -6.85 -26.61
N ASP E 332 -6.62 -7.75 -26.92
CA ASP E 332 -6.81 -8.19 -28.30
C ASP E 332 -7.46 -7.12 -29.18
N ASP E 333 -8.16 -6.16 -28.59
CA ASP E 333 -8.67 -5.02 -29.34
C ASP E 333 -7.72 -3.83 -29.32
N GLY E 334 -6.57 -3.95 -28.65
CA GLY E 334 -5.61 -2.88 -28.59
C GLY E 334 -6.06 -1.65 -27.84
N MET E 335 -7.08 -1.78 -26.99
CA MET E 335 -7.58 -0.61 -26.28
C MET E 335 -6.65 -0.20 -25.15
N ALA E 336 -6.08 -1.16 -24.44
CA ALA E 336 -5.30 -0.86 -23.25
C ALA E 336 -4.11 -1.82 -23.15
N VAL E 337 -3.13 -1.42 -22.35
CA VAL E 337 -1.95 -2.23 -22.07
C VAL E 337 -1.80 -2.32 -20.56
N ALA E 338 -1.59 -3.54 -20.06
CA ALA E 338 -1.41 -3.79 -18.64
C ALA E 338 0.03 -4.17 -18.37
N THR E 339 0.57 -3.66 -17.27
CA THR E 339 1.96 -3.92 -16.87
C THR E 339 1.95 -4.42 -15.43
N GLY E 340 2.55 -5.59 -15.21
CA GLY E 340 2.78 -6.09 -13.88
C GLY E 340 4.19 -5.78 -13.43
N SER E 341 4.39 -5.76 -12.12
CA SER E 341 5.69 -5.38 -11.58
C SER E 341 5.90 -6.07 -10.25
N TRP E 342 7.16 -6.05 -9.80
CA TRP E 342 7.54 -6.72 -8.56
C TRP E 342 7.01 -6.02 -7.32
N ASP E 343 6.48 -4.81 -7.46
CA ASP E 343 5.88 -4.11 -6.32
C ASP E 343 4.44 -4.55 -6.07
N SER E 344 4.00 -5.65 -6.66
CA SER E 344 2.69 -6.25 -6.43
C SER E 344 1.55 -5.33 -6.86
N PHE E 345 1.77 -4.53 -7.90
CA PHE E 345 0.73 -3.66 -8.44
C PHE E 345 0.68 -3.81 -9.95
N LEU E 346 -0.52 -4.01 -10.48
CA LEU E 346 -0.75 -4.07 -11.92
C LEU E 346 -1.60 -2.88 -12.33
N LYS E 347 -1.22 -2.23 -13.42
CA LYS E 347 -1.86 -0.99 -13.84
C LYS E 347 -2.26 -1.09 -15.31
N ILE E 348 -3.42 -0.52 -15.63
CA ILE E 348 -3.94 -0.52 -17.00
C ILE E 348 -3.68 0.85 -17.59
N TRP E 349 -2.96 0.87 -18.72
CA TRP E 349 -2.56 2.12 -19.36
C TRP E 349 -3.29 2.27 -20.68
N ASN E 350 -3.86 3.45 -20.91
CA ASN E 350 -4.66 3.70 -22.10
C ASN E 350 -4.36 5.08 -22.67
N ALA F 1 28.80 -41.33 -29.39
CA ALA F 1 28.20 -40.30 -28.56
C ALA F 1 28.22 -38.95 -29.27
N SER F 2 29.39 -38.32 -29.30
CA SER F 2 29.53 -37.03 -29.97
C SER F 2 29.33 -37.16 -31.48
N ILE F 3 29.57 -38.35 -32.04
CA ILE F 3 29.37 -38.55 -33.47
C ILE F 3 27.90 -38.38 -33.84
N ALA F 4 27.00 -38.96 -33.04
CA ALA F 4 25.57 -38.81 -33.31
C ALA F 4 25.13 -37.37 -33.15
N GLN F 5 25.67 -36.67 -32.15
CA GLN F 5 25.33 -35.26 -31.97
C GLN F 5 25.80 -34.43 -33.15
N ALA F 6 27.00 -34.69 -33.65
CA ALA F 6 27.50 -33.96 -34.82
C ALA F 6 26.66 -34.28 -36.05
N ARG F 7 26.25 -35.53 -36.22
CA ARG F 7 25.41 -35.90 -37.35
C ARG F 7 24.07 -35.18 -37.28
N LYS F 8 23.45 -35.14 -36.10
CA LYS F 8 22.20 -34.41 -35.95
C LYS F 8 22.38 -32.94 -36.23
N LEU F 9 23.48 -32.35 -35.75
CA LEU F 9 23.73 -30.94 -35.96
C LEU F 9 23.90 -30.61 -37.44
N VAL F 10 24.67 -31.42 -38.16
CA VAL F 10 24.89 -31.15 -39.57
C VAL F 10 23.62 -31.39 -40.37
N GLU F 11 22.82 -32.39 -39.98
CA GLU F 11 21.54 -32.60 -40.66
C GLU F 11 20.61 -31.41 -40.46
N GLN F 12 20.52 -30.90 -39.22
CA GLN F 12 19.68 -29.74 -38.96
C GLN F 12 20.19 -28.52 -39.72
N LEU F 13 21.51 -28.33 -39.77
CA LEU F 13 22.06 -27.20 -40.51
C LEU F 13 21.76 -27.31 -41.99
N LYS F 14 21.86 -28.51 -42.56
CA LYS F 14 21.53 -28.70 -43.97
C LYS F 14 20.06 -28.42 -44.23
N MET F 15 19.19 -28.89 -43.33
CA MET F 15 17.75 -28.63 -43.51
C MET F 15 17.45 -27.14 -43.42
N GLU F 16 18.10 -26.43 -42.50
CA GLU F 16 17.83 -25.01 -42.32
C GLU F 16 18.39 -24.19 -43.47
N ALA F 17 19.56 -24.56 -43.99
CA ALA F 17 20.22 -23.79 -45.04
C ALA F 17 19.51 -23.88 -46.38
N ASN F 18 18.56 -24.80 -46.53
CA ASN F 18 17.86 -25.00 -47.80
C ASN F 18 16.50 -24.30 -47.84
N ILE F 19 16.37 -23.17 -47.14
CA ILE F 19 15.13 -22.42 -47.06
C ILE F 19 15.26 -21.19 -47.95
N ASP F 20 14.27 -20.97 -48.81
CA ASP F 20 14.29 -19.81 -49.69
C ASP F 20 14.14 -18.52 -48.88
N ARG F 21 14.86 -17.48 -49.31
CA ARG F 21 14.84 -16.19 -48.63
C ARG F 21 14.47 -15.10 -49.62
N ILE F 22 13.50 -14.27 -49.25
CA ILE F 22 13.13 -13.13 -50.08
C ILE F 22 14.01 -11.93 -49.70
N LYS F 23 14.02 -10.91 -50.53
CA LYS F 23 14.81 -9.73 -50.27
C LYS F 23 14.30 -9.01 -49.01
N VAL F 24 15.23 -8.40 -48.28
CA VAL F 24 14.88 -7.68 -47.06
C VAL F 24 13.98 -6.49 -47.38
N SER F 25 14.19 -5.86 -48.54
CA SER F 25 13.36 -4.73 -48.92
C SER F 25 11.90 -5.14 -49.04
N LYS F 26 11.64 -6.32 -49.61
CA LYS F 26 10.26 -6.80 -49.74
C LYS F 26 9.62 -7.03 -48.37
N ALA F 27 10.38 -7.63 -47.44
CA ALA F 27 9.85 -7.86 -46.09
C ALA F 27 9.55 -6.55 -45.39
N ALA F 28 10.45 -5.57 -45.51
CA ALA F 28 10.21 -4.26 -44.92
C ALA F 28 9.00 -3.60 -45.54
N ALA F 29 8.84 -3.74 -46.87
CA ALA F 29 7.69 -3.15 -47.54
C ALA F 29 6.39 -3.76 -47.04
N ASP F 30 6.33 -5.08 -46.88
CA ASP F 30 5.09 -5.68 -46.43
C ASP F 30 4.80 -5.36 -44.97
N LEU F 31 5.83 -5.27 -44.13
CA LEU F 31 5.62 -4.85 -42.75
C LEU F 31 5.09 -3.42 -42.70
N MET F 32 5.65 -2.52 -43.52
CA MET F 32 5.16 -1.15 -43.57
C MET F 32 3.73 -1.09 -44.06
N ALA F 33 3.40 -1.90 -45.08
CA ALA F 33 2.03 -1.92 -45.60
C ALA F 33 1.06 -2.42 -44.53
N TYR F 34 1.44 -3.45 -43.78
CA TYR F 34 0.57 -3.92 -42.71
C TYR F 34 0.38 -2.85 -41.64
N CYS F 35 1.45 -2.16 -41.27
CA CYS F 35 1.33 -1.13 -40.24
C CYS F 35 0.49 0.04 -40.72
N GLU F 36 0.55 0.37 -42.00
CA GLU F 36 -0.25 1.47 -42.53
C GLU F 36 -1.71 1.09 -42.70
N ALA F 37 -1.98 -0.16 -43.08
CA ALA F 37 -3.36 -0.58 -43.34
C ALA F 37 -4.21 -0.54 -42.08
N HIS F 38 -3.64 -0.98 -40.94
CA HIS F 38 -4.38 -1.07 -39.69
C HIS F 38 -4.13 0.12 -38.77
N ALA F 39 -3.72 1.26 -39.33
CA ALA F 39 -3.41 2.42 -38.51
C ALA F 39 -4.65 2.97 -37.82
N LYS F 40 -5.81 2.88 -38.47
CA LYS F 40 -7.03 3.45 -37.91
C LYS F 40 -7.73 2.53 -36.91
N GLU F 41 -7.30 1.27 -36.82
CA GLU F 41 -7.92 0.32 -35.91
C GLU F 41 -7.10 0.08 -34.65
N ASP F 42 -6.08 0.91 -34.40
CA ASP F 42 -5.24 0.76 -33.21
C ASP F 42 -5.45 1.94 -32.28
N PRO F 43 -6.24 1.81 -31.22
CA PRO F 43 -6.50 2.95 -30.34
C PRO F 43 -5.44 3.13 -29.27
N LEU F 44 -4.17 3.04 -29.64
CA LEU F 44 -3.08 3.31 -28.73
C LEU F 44 -2.10 4.36 -29.26
N LEU F 45 -1.80 4.36 -30.56
CA LEU F 45 -1.03 5.45 -31.14
C LEU F 45 -1.91 6.60 -31.57
N THR F 46 -3.18 6.31 -31.91
CA THR F 46 -4.20 7.34 -32.14
C THR F 46 -5.22 7.23 -31.02
N PRO F 47 -5.19 8.11 -30.02
CA PRO F 47 -6.06 7.93 -28.86
C PRO F 47 -7.54 8.01 -29.22
N VAL F 48 -8.34 7.26 -28.48
CA VAL F 48 -9.79 7.19 -28.68
C VAL F 48 -10.46 8.19 -27.76
N PRO F 49 -11.54 8.85 -28.19
CA PRO F 49 -12.24 9.77 -27.28
C PRO F 49 -12.83 9.05 -26.09
N ALA F 50 -12.96 9.79 -24.97
CA ALA F 50 -13.41 9.20 -23.73
C ALA F 50 -14.82 8.63 -23.83
N SER F 51 -15.61 9.05 -24.82
CA SER F 51 -16.94 8.49 -25.01
C SER F 51 -16.86 6.99 -25.32
N GLU F 52 -15.93 6.60 -26.18
CA GLU F 52 -15.76 5.21 -26.57
C GLU F 52 -14.66 4.50 -25.79
N ASN F 53 -14.07 5.15 -24.78
CA ASN F 53 -12.99 4.56 -24.01
C ASN F 53 -13.59 3.76 -22.87
N PRO F 54 -13.45 2.43 -22.84
CA PRO F 54 -14.05 1.65 -21.75
C PRO F 54 -13.40 1.86 -20.41
N PHE F 55 -12.20 2.45 -20.36
CA PHE F 55 -11.47 2.64 -19.11
C PHE F 55 -11.52 4.09 -18.62
N ARG F 56 -12.51 4.85 -19.08
CA ARG F 56 -12.65 6.24 -18.66
C ARG F 56 -13.17 6.33 -17.22
N ASP G 1 -23.43 -35.49 -7.62
CA ASP G 1 -24.05 -34.45 -8.42
C ASP G 1 -24.68 -33.37 -7.55
N VAL G 2 -25.04 -32.25 -8.18
CA VAL G 2 -25.69 -31.17 -7.46
C VAL G 2 -27.10 -31.60 -7.05
N GLN G 3 -27.44 -31.39 -5.78
CA GLN G 3 -28.74 -31.80 -5.26
C GLN G 3 -29.22 -30.77 -4.25
N LEU G 4 -30.44 -30.28 -4.45
CA LEU G 4 -31.09 -29.33 -3.55
C LEU G 4 -32.42 -29.97 -3.15
N VAL G 5 -32.48 -30.50 -1.93
CA VAL G 5 -33.64 -31.22 -1.44
C VAL G 5 -34.26 -30.43 -0.29
N GLU G 6 -35.58 -30.23 -0.36
CA GLU G 6 -36.30 -29.47 0.64
C GLU G 6 -37.13 -30.41 1.52
N SER G 7 -37.43 -29.94 2.72
CA SER G 7 -38.29 -30.69 3.63
C SER G 7 -38.96 -29.72 4.60
N GLY G 8 -40.09 -30.15 5.16
CA GLY G 8 -40.80 -29.34 6.13
C GLY G 8 -42.16 -28.86 5.66
N GLY G 9 -42.82 -29.63 4.80
CA GLY G 9 -44.10 -29.26 4.24
C GLY G 9 -45.22 -30.13 4.79
N GLY G 10 -46.37 -29.51 5.04
CA GLY G 10 -47.50 -30.25 5.57
C GLY G 10 -48.66 -29.31 5.82
N LEU G 11 -49.68 -29.85 6.49
CA LEU G 11 -50.86 -29.07 6.82
C LEU G 11 -50.55 -28.10 7.95
N VAL G 12 -50.93 -26.83 7.78
CA VAL G 12 -50.68 -25.79 8.75
C VAL G 12 -51.98 -25.11 9.09
N GLN G 13 -52.27 -24.95 10.37
CA GLN G 13 -53.44 -24.18 10.78
C GLN G 13 -53.18 -22.70 10.53
N PRO G 14 -54.21 -21.94 10.15
CA PRO G 14 -54.01 -20.50 9.93
C PRO G 14 -53.56 -19.80 11.21
N GLY G 15 -52.70 -18.81 11.04
CA GLY G 15 -52.16 -18.06 12.17
C GLY G 15 -51.02 -18.74 12.90
N GLY G 16 -50.57 -19.89 12.44
CA GLY G 16 -49.49 -20.62 13.08
C GLY G 16 -48.12 -20.21 12.59
N SER G 17 -47.18 -21.14 12.68
CA SER G 17 -45.81 -20.90 12.24
C SER G 17 -45.20 -22.21 11.79
N ARG G 18 -44.19 -22.09 10.92
CA ARG G 18 -43.48 -23.26 10.42
C ARG G 18 -42.12 -22.82 9.88
N LYS G 19 -41.24 -23.80 9.70
CA LYS G 19 -39.91 -23.57 9.16
C LYS G 19 -39.64 -24.56 8.05
N LEU G 20 -39.08 -24.07 6.95
CA LEU G 20 -38.72 -24.89 5.80
C LEU G 20 -37.20 -25.01 5.72
N SER G 21 -36.71 -26.21 5.47
CA SER G 21 -35.29 -26.49 5.40
C SER G 21 -34.89 -26.89 3.97
N CYS G 22 -33.70 -26.47 3.57
CA CYS G 22 -33.18 -26.74 2.23
C CYS G 22 -31.77 -27.32 2.38
N SER G 23 -31.67 -28.64 2.33
CA SER G 23 -30.39 -29.31 2.44
C SER G 23 -29.71 -29.38 1.08
N ALA G 24 -28.49 -28.84 1.00
CA ALA G 24 -27.76 -28.74 -0.25
C ALA G 24 -26.51 -29.61 -0.21
N SER G 25 -26.26 -30.33 -1.29
CA SER G 25 -25.07 -31.18 -1.41
C SER G 25 -24.66 -31.26 -2.87
N GLY G 26 -23.36 -31.35 -3.09
CA GLY G 26 -22.81 -31.48 -4.43
C GLY G 26 -22.21 -30.22 -5.01
N PHE G 27 -22.14 -29.13 -4.25
CA PHE G 27 -21.54 -27.90 -4.74
C PHE G 27 -21.09 -27.07 -3.56
N ALA G 28 -20.28 -26.05 -3.85
CA ALA G 28 -19.74 -25.16 -2.82
C ALA G 28 -20.82 -24.20 -2.32
N PHE G 29 -21.62 -24.66 -1.36
CA PHE G 29 -22.79 -23.91 -0.91
C PHE G 29 -22.40 -22.54 -0.34
N SER G 30 -21.19 -22.41 0.19
CA SER G 30 -20.82 -21.18 0.89
C SER G 30 -20.74 -19.98 -0.05
N SER G 31 -20.45 -20.21 -1.33
CA SER G 31 -20.23 -19.13 -2.29
C SER G 31 -21.43 -18.88 -3.18
N PHE G 32 -22.60 -19.42 -2.84
CA PHE G 32 -23.80 -19.29 -3.64
C PHE G 32 -24.84 -18.46 -2.88
N GLY G 33 -25.46 -17.51 -3.57
CA GLY G 33 -26.63 -16.85 -3.03
C GLY G 33 -27.87 -17.73 -3.21
N MET G 34 -28.70 -17.77 -2.18
CA MET G 34 -29.85 -18.67 -2.15
C MET G 34 -31.14 -17.90 -2.14
N HIS G 35 -32.10 -18.33 -2.95
CA HIS G 35 -33.41 -17.73 -3.05
C HIS G 35 -34.48 -18.69 -2.57
N TRP G 36 -35.67 -18.16 -2.31
CA TRP G 36 -36.86 -18.94 -2.07
C TRP G 36 -37.93 -18.47 -3.05
N VAL G 37 -38.38 -19.37 -3.92
CA VAL G 37 -39.38 -19.05 -4.94
C VAL G 37 -40.57 -19.97 -4.71
N ARG G 38 -41.75 -19.38 -4.58
CA ARG G 38 -42.97 -20.12 -4.27
C ARG G 38 -43.96 -19.99 -5.42
N GLN G 39 -44.76 -21.05 -5.60
CA GLN G 39 -45.73 -21.10 -6.68
C GLN G 39 -47.07 -21.57 -6.12
N ALA G 40 -48.11 -20.77 -6.36
CA ALA G 40 -49.45 -21.13 -5.93
C ALA G 40 -49.92 -22.39 -6.64
N PRO G 41 -50.87 -23.12 -6.07
CA PRO G 41 -51.27 -24.41 -6.66
C PRO G 41 -51.74 -24.31 -8.10
N GLU G 42 -52.36 -23.21 -8.50
CA GLU G 42 -52.82 -23.03 -9.87
C GLU G 42 -52.24 -21.81 -10.57
N LYS G 43 -51.48 -20.98 -9.88
CA LYS G 43 -50.93 -19.76 -10.45
C LYS G 43 -49.44 -19.94 -10.75
N GLY G 44 -48.80 -18.84 -11.16
CA GLY G 44 -47.40 -18.87 -11.52
C GLY G 44 -46.48 -18.65 -10.34
N LEU G 45 -45.19 -18.52 -10.65
CA LEU G 45 -44.17 -18.38 -9.62
C LEU G 45 -44.22 -16.99 -8.98
N GLU G 46 -43.68 -16.91 -7.77
CA GLU G 46 -43.64 -15.65 -7.03
C GLU G 46 -42.43 -15.66 -6.11
N TRP G 47 -41.49 -14.75 -6.35
CA TRP G 47 -40.28 -14.67 -5.55
C TRP G 47 -40.62 -14.28 -4.12
N VAL G 48 -39.92 -14.89 -3.16
CA VAL G 48 -40.22 -14.76 -1.74
C VAL G 48 -39.10 -14.05 -0.98
N ALA G 49 -37.90 -14.63 -0.97
CA ALA G 49 -36.81 -14.07 -0.19
C ALA G 49 -35.48 -14.46 -0.82
N TYR G 50 -34.43 -13.72 -0.45
CA TYR G 50 -33.10 -13.95 -0.99
C TYR G 50 -32.07 -13.61 0.08
N ILE G 51 -31.11 -14.50 0.28
CA ILE G 51 -29.99 -14.28 1.20
C ILE G 51 -28.70 -14.48 0.43
N SER G 52 -27.81 -13.49 0.50
CA SER G 52 -26.60 -13.50 -0.30
C SER G 52 -25.55 -14.44 0.31
N SER G 53 -24.37 -14.45 -0.28
CA SER G 53 -23.27 -15.25 0.25
C SER G 53 -22.70 -14.57 1.49
N GLY G 54 -22.50 -15.35 2.55
CA GLY G 54 -22.08 -14.79 3.81
C GLY G 54 -23.17 -14.10 4.60
N SER G 55 -24.43 -14.26 4.19
CA SER G 55 -25.57 -13.65 4.88
C SER G 55 -25.40 -12.13 4.98
N GLY G 56 -24.87 -11.52 3.92
CA GLY G 56 -24.67 -10.10 3.89
C GLY G 56 -25.95 -9.29 3.70
N THR G 57 -26.58 -9.43 2.54
CA THR G 57 -27.78 -8.69 2.20
C THR G 57 -28.94 -9.66 2.04
N ILE G 58 -30.08 -9.33 2.66
CA ILE G 58 -31.29 -10.13 2.58
C ILE G 58 -32.43 -9.24 2.10
N TYR G 59 -33.18 -9.71 1.11
CA TYR G 59 -34.32 -8.99 0.57
C TYR G 59 -35.56 -9.87 0.69
N TYR G 60 -36.71 -9.23 0.92
CA TYR G 60 -37.97 -9.94 1.11
C TYR G 60 -39.02 -9.39 0.17
N ALA G 61 -40.02 -10.23 -0.11
CA ALA G 61 -41.15 -9.80 -0.91
C ALA G 61 -42.06 -8.88 -0.10
N ASP G 62 -42.84 -8.06 -0.83
CA ASP G 62 -43.74 -7.13 -0.16
C ASP G 62 -44.78 -7.86 0.68
N THR G 63 -45.35 -8.94 0.15
CA THR G 63 -46.33 -9.73 0.87
C THR G 63 -45.70 -10.67 1.88
N VAL G 64 -44.40 -10.55 2.11
CA VAL G 64 -43.67 -11.47 2.99
C VAL G 64 -42.87 -10.76 4.07
N LYS G 65 -42.48 -9.50 3.88
CA LYS G 65 -41.64 -8.82 4.86
C LYS G 65 -42.30 -8.77 6.23
N GLY G 66 -41.53 -9.04 7.26
CA GLY G 66 -42.04 -9.08 8.63
C GLY G 66 -42.50 -10.45 9.08
N ARG G 67 -43.28 -11.14 8.25
CA ARG G 67 -43.77 -12.46 8.62
C ARG G 67 -42.69 -13.52 8.53
N PHE G 68 -41.88 -13.50 7.47
CA PHE G 68 -40.91 -14.56 7.22
C PHE G 68 -39.51 -14.11 7.59
N THR G 69 -38.59 -15.08 7.67
CA THR G 69 -37.19 -14.83 7.92
C THR G 69 -36.36 -15.89 7.20
N ILE G 70 -35.28 -15.47 6.55
CA ILE G 70 -34.43 -16.36 5.77
C ILE G 70 -33.04 -16.39 6.39
N SER G 71 -32.52 -17.59 6.63
CA SER G 71 -31.19 -17.78 7.17
C SER G 71 -30.60 -19.05 6.57
N ARG G 72 -29.27 -19.12 6.58
CA ARG G 72 -28.56 -20.27 6.01
C ARG G 72 -27.66 -20.94 7.02
N LYS G 76 -22.82 -26.58 7.79
CA LYS G 76 -24.01 -27.41 7.89
C LYS G 76 -24.65 -27.63 6.52
N ASN G 77 -24.44 -26.65 5.62
CA ASN G 77 -24.94 -26.71 4.25
C ASN G 77 -26.46 -26.84 4.21
N THR G 78 -27.15 -25.85 4.78
CA THR G 78 -28.60 -25.86 4.81
C THR G 78 -29.13 -24.44 4.83
N LEU G 79 -30.28 -24.23 4.17
CA LEU G 79 -30.94 -22.94 4.11
C LEU G 79 -32.30 -23.05 4.79
N PHE G 80 -32.64 -22.03 5.58
CA PHE G 80 -33.82 -22.04 6.41
C PHE G 80 -34.76 -20.91 6.02
N LEU G 81 -36.04 -21.10 6.36
CA LEU G 81 -37.06 -20.08 6.16
C LEU G 81 -38.02 -20.15 7.33
N GLN G 82 -37.98 -19.15 8.21
CA GLN G 82 -38.84 -19.10 9.39
C GLN G 82 -40.12 -18.38 9.03
N MET G 83 -41.20 -19.14 8.84
CA MET G 83 -42.48 -18.58 8.45
C MET G 83 -43.36 -18.39 9.67
N THR G 84 -43.88 -17.18 9.83
CA THR G 84 -44.66 -16.82 11.00
C THR G 84 -45.95 -16.14 10.56
N SER G 85 -47.05 -16.45 11.26
CA SER G 85 -48.36 -15.87 10.98
C SER G 85 -48.82 -16.18 9.55
N LEU G 86 -48.99 -17.46 9.28
CA LEU G 86 -49.31 -17.92 7.94
C LEU G 86 -50.78 -17.63 7.63
N ARG G 87 -51.02 -16.86 6.57
CA ARG G 87 -52.36 -16.58 6.12
C ARG G 87 -52.85 -17.69 5.18
N SER G 88 -54.04 -17.50 4.62
CA SER G 88 -54.59 -18.46 3.68
C SER G 88 -53.99 -18.32 2.28
N GLU G 89 -53.29 -17.23 1.99
CA GLU G 89 -52.65 -17.02 0.70
C GLU G 89 -51.21 -17.49 0.67
N ASP G 90 -50.69 -18.01 1.77
CA ASP G 90 -49.31 -18.48 1.85
C ASP G 90 -49.16 -19.96 1.50
N THR G 91 -50.24 -20.64 1.10
CA THR G 91 -50.15 -22.03 0.70
C THR G 91 -49.62 -22.13 -0.72
N ALA G 92 -48.52 -22.85 -0.88
CA ALA G 92 -47.82 -22.95 -2.15
C ALA G 92 -46.73 -24.01 -2.03
N MET G 93 -45.97 -24.19 -3.11
CA MET G 93 -44.79 -25.03 -3.11
C MET G 93 -43.56 -24.13 -3.20
N TYR G 94 -42.64 -24.28 -2.26
CA TYR G 94 -41.50 -23.38 -2.14
C TYR G 94 -40.24 -24.06 -2.68
N TYR G 95 -39.51 -23.34 -3.53
CA TYR G 95 -38.33 -23.87 -4.20
C TYR G 95 -37.07 -23.25 -3.64
N CYS G 96 -35.97 -23.99 -3.77
CA CYS G 96 -34.64 -23.55 -3.35
C CYS G 96 -33.81 -23.34 -4.60
N VAL G 97 -33.26 -22.13 -4.76
CA VAL G 97 -32.57 -21.73 -5.98
C VAL G 97 -31.21 -21.16 -5.63
N ARG G 98 -30.19 -21.54 -6.40
CA ARG G 98 -28.82 -21.08 -6.20
C ARG G 98 -28.46 -20.11 -7.31
N SER G 99 -27.91 -18.96 -6.94
CA SER G 99 -27.77 -17.82 -7.84
C SER G 99 -26.40 -17.14 -7.69
N ILE G 100 -25.32 -17.90 -7.83
CA ILE G 100 -23.99 -17.31 -7.73
C ILE G 100 -23.83 -16.15 -8.69
N TYR G 101 -23.29 -15.03 -8.20
CA TYR G 101 -23.16 -13.80 -8.96
C TYR G 101 -21.69 -13.42 -9.10
N TYR G 102 -21.22 -13.33 -10.33
CA TYR G 102 -19.98 -12.66 -10.69
C TYR G 102 -20.07 -12.32 -12.17
N TYR G 103 -18.99 -11.82 -12.74
CA TYR G 103 -19.02 -11.44 -14.16
C TYR G 103 -19.12 -12.68 -15.02
N GLY G 104 -20.19 -12.78 -15.81
CA GLY G 104 -20.39 -13.89 -16.70
C GLY G 104 -21.04 -15.11 -16.10
N SER G 105 -21.48 -15.03 -14.84
CA SER G 105 -22.12 -16.17 -14.20
C SER G 105 -23.54 -16.36 -14.74
N SER G 106 -24.14 -17.49 -14.37
CA SER G 106 -25.48 -17.86 -14.82
C SER G 106 -26.35 -18.11 -13.61
N PRO G 107 -26.98 -17.07 -13.06
CA PRO G 107 -27.81 -17.25 -11.86
C PRO G 107 -29.06 -18.06 -12.15
N PHE G 108 -29.66 -18.57 -11.08
CA PHE G 108 -30.90 -19.34 -11.13
C PHE G 108 -30.77 -20.60 -11.97
N ASP G 109 -29.57 -21.17 -12.03
CA ASP G 109 -29.34 -22.31 -12.90
C ASP G 109 -29.94 -23.60 -12.37
N PHE G 110 -29.86 -23.83 -11.05
CA PHE G 110 -30.36 -25.07 -10.46
C PHE G 110 -31.46 -24.76 -9.46
N TRP G 111 -32.58 -25.47 -9.58
CA TRP G 111 -33.74 -25.28 -8.73
C TRP G 111 -33.98 -26.52 -7.89
N GLY G 112 -34.48 -26.32 -6.68
CA GLY G 112 -34.78 -27.41 -5.79
C GLY G 112 -36.04 -28.16 -6.19
N GLN G 113 -36.31 -29.24 -5.44
CA GLN G 113 -37.48 -30.06 -5.75
C GLN G 113 -38.77 -29.38 -5.33
N GLY G 114 -38.79 -28.77 -4.16
CA GLY G 114 -39.95 -28.05 -3.67
C GLY G 114 -40.74 -28.84 -2.65
N THR G 115 -41.32 -28.13 -1.69
CA THR G 115 -42.16 -28.73 -0.65
C THR G 115 -43.54 -28.11 -0.70
N THR G 116 -44.57 -28.94 -0.75
CA THR G 116 -45.95 -28.48 -0.79
C THR G 116 -46.41 -28.17 0.63
N LEU G 117 -46.65 -26.90 0.92
CA LEU G 117 -47.19 -26.46 2.20
C LEU G 117 -48.62 -26.01 2.00
N THR G 118 -49.55 -26.64 2.73
CA THR G 118 -50.97 -26.34 2.62
C THR G 118 -51.45 -25.73 3.93
N VAL G 119 -52.13 -24.59 3.83
CA VAL G 119 -52.66 -23.89 5.00
C VAL G 119 -54.18 -23.97 4.95
N SER G 120 -54.78 -24.45 6.03
CA SER G 120 -56.23 -24.59 6.11
C SER G 120 -56.90 -23.23 6.30
N GLY G 135 -46.02 -1.33 -5.54
CA GLY G 135 -46.42 -0.14 -6.25
C GLY G 135 -45.51 0.19 -7.42
N SER G 136 -44.21 0.26 -7.16
CA SER G 136 -43.22 0.56 -8.17
C SER G 136 -42.57 -0.69 -8.75
N ASP G 137 -43.08 -1.87 -8.41
CA ASP G 137 -42.51 -3.11 -8.93
C ASP G 137 -42.66 -3.18 -10.44
N ILE G 138 -41.65 -3.73 -11.10
CA ILE G 138 -41.68 -3.90 -12.55
C ILE G 138 -42.69 -4.99 -12.89
N VAL G 139 -43.71 -4.64 -13.66
CA VAL G 139 -44.76 -5.58 -14.02
C VAL G 139 -44.42 -6.17 -15.39
N MET G 140 -44.27 -7.49 -15.44
CA MET G 140 -43.97 -8.20 -16.68
C MET G 140 -45.18 -9.05 -17.05
N THR G 141 -45.67 -8.86 -18.26
CA THR G 141 -46.90 -9.49 -18.72
C THR G 141 -46.62 -10.38 -19.92
N GLN G 142 -47.12 -11.61 -19.86
CA GLN G 142 -47.13 -12.50 -21.01
C GLN G 142 -48.53 -12.48 -21.61
N ALA G 143 -48.66 -11.89 -22.80
CA ALA G 143 -49.98 -11.63 -23.37
C ALA G 143 -50.73 -12.92 -23.64
N THR G 144 -50.05 -13.93 -24.17
CA THR G 144 -50.69 -15.20 -24.52
C THR G 144 -50.46 -16.20 -23.40
N SER G 145 -51.55 -16.75 -22.86
CA SER G 145 -51.47 -17.72 -21.77
C SER G 145 -51.42 -19.16 -22.25
N SER G 146 -51.89 -19.43 -23.47
CA SER G 146 -51.84 -20.78 -24.03
C SER G 146 -51.64 -20.68 -25.53
N VAL G 147 -50.80 -21.56 -26.07
CA VAL G 147 -50.46 -21.56 -27.49
C VAL G 147 -50.56 -22.99 -28.01
N PRO G 148 -51.40 -23.28 -28.99
CA PRO G 148 -51.38 -24.61 -29.61
C PRO G 148 -50.22 -24.71 -30.61
N VAL G 149 -49.55 -25.85 -30.59
CA VAL G 149 -48.36 -26.05 -31.39
C VAL G 149 -48.18 -27.54 -31.65
N THR G 150 -47.60 -27.86 -32.81
CA THR G 150 -47.34 -29.23 -33.23
C THR G 150 -45.83 -29.49 -33.27
N PRO G 151 -45.41 -30.74 -33.08
CA PRO G 151 -43.97 -31.03 -33.13
C PRO G 151 -43.38 -30.73 -34.50
N GLY G 152 -42.12 -30.27 -34.49
CA GLY G 152 -41.41 -29.95 -35.70
C GLY G 152 -41.58 -28.52 -36.19
N GLU G 153 -42.44 -27.74 -35.56
CA GLU G 153 -42.68 -26.35 -35.95
C GLU G 153 -41.93 -25.40 -35.03
N SER G 154 -41.92 -24.13 -35.41
CA SER G 154 -41.26 -23.08 -34.66
C SER G 154 -42.29 -22.35 -33.80
N VAL G 155 -42.07 -22.35 -32.48
CA VAL G 155 -42.96 -21.70 -31.52
C VAL G 155 -42.22 -20.53 -30.91
N SER G 156 -42.84 -19.36 -30.93
CA SER G 156 -42.25 -18.13 -30.42
C SER G 156 -43.10 -17.59 -29.29
N ILE G 157 -42.53 -17.55 -28.09
CA ILE G 157 -43.19 -16.96 -26.93
C ILE G 157 -42.65 -15.55 -26.73
N SER G 158 -43.49 -14.66 -26.21
CA SER G 158 -43.14 -13.26 -26.06
C SER G 158 -43.41 -12.80 -24.64
N CYS G 159 -42.69 -11.75 -24.23
CA CYS G 159 -42.83 -11.17 -22.92
C CYS G 159 -42.62 -9.67 -23.03
N ARG G 160 -43.22 -8.92 -22.12
CA ARG G 160 -43.12 -7.47 -22.10
C ARG G 160 -42.77 -6.99 -20.70
N SER G 161 -42.17 -5.81 -20.63
CA SER G 161 -41.78 -5.22 -19.35
C SER G 161 -42.29 -3.80 -19.25
N SER G 162 -42.79 -3.43 -18.07
CA SER G 162 -43.25 -2.07 -17.86
C SER G 162 -42.09 -1.08 -17.95
N LYS G 163 -40.95 -1.43 -17.36
CA LYS G 163 -39.75 -0.60 -17.40
C LYS G 163 -38.69 -1.28 -18.25
N SER G 164 -37.91 -0.48 -18.96
CA SER G 164 -36.86 -1.03 -19.81
C SER G 164 -35.83 -1.78 -18.98
N LEU G 165 -35.49 -2.99 -19.42
CA LEU G 165 -34.55 -3.85 -18.70
C LEU G 165 -33.12 -3.68 -19.15
N LEU G 166 -32.86 -2.85 -20.16
CA LEU G 166 -31.49 -2.59 -20.60
C LEU G 166 -30.83 -1.62 -19.63
N HIS G 167 -29.63 -1.99 -19.17
CA HIS G 167 -28.87 -1.17 -18.25
C HIS G 167 -27.85 -0.32 -19.01
N SER G 168 -27.16 0.55 -18.27
CA SER G 168 -26.16 1.41 -18.89
C SER G 168 -24.95 0.63 -19.39
N ASN G 169 -24.73 -0.57 -18.85
CA ASN G 169 -23.58 -1.38 -19.25
C ASN G 169 -23.89 -2.30 -20.42
N GLY G 170 -25.09 -2.22 -21.00
CA GLY G 170 -25.46 -3.01 -22.14
C GLY G 170 -26.10 -4.34 -21.83
N ASN G 171 -26.20 -4.71 -20.56
CA ASN G 171 -26.82 -5.96 -20.15
C ASN G 171 -28.32 -5.75 -19.96
N THR G 172 -29.11 -6.61 -20.59
CA THR G 172 -30.54 -6.66 -20.37
C THR G 172 -30.86 -7.89 -19.52
N TYR G 173 -31.57 -7.67 -18.41
CA TYR G 173 -31.77 -8.70 -17.40
C TYR G 173 -33.15 -9.33 -17.57
N LEU G 174 -33.24 -10.24 -18.53
CA LEU G 174 -34.44 -11.06 -18.70
C LEU G 174 -34.02 -12.53 -18.70
N TYR G 175 -34.70 -13.34 -17.90
CA TYR G 175 -34.40 -14.76 -17.77
C TYR G 175 -35.60 -15.57 -18.23
N TRP G 176 -35.34 -16.66 -18.94
CA TRP G 176 -36.38 -17.55 -19.43
C TRP G 176 -36.27 -18.90 -18.72
N PHE G 177 -37.38 -19.35 -18.13
CA PHE G 177 -37.43 -20.62 -17.43
C PHE G 177 -38.45 -21.53 -18.09
N LEU G 178 -38.27 -22.84 -17.88
CA LEU G 178 -39.19 -23.84 -18.41
C LEU G 178 -39.62 -24.77 -17.28
N GLN G 179 -40.93 -24.92 -17.12
CA GLN G 179 -41.49 -25.82 -16.11
C GLN G 179 -42.24 -26.94 -16.83
N ARG G 180 -41.62 -28.11 -16.90
CA ARG G 180 -42.30 -29.27 -17.44
C ARG G 180 -43.36 -29.74 -16.46
N PRO G 181 -44.41 -30.43 -16.94
CA PRO G 181 -45.48 -30.86 -16.02
C PRO G 181 -44.97 -31.90 -15.04
N GLY G 182 -45.07 -31.59 -13.74
CA GLY G 182 -44.58 -32.46 -12.71
C GLY G 182 -43.11 -32.29 -12.37
N GLN G 183 -42.46 -31.24 -12.86
CA GLN G 183 -41.04 -31.02 -12.62
C GLN G 183 -40.81 -29.56 -12.25
N SER G 184 -39.67 -29.32 -11.59
CA SER G 184 -39.26 -27.99 -11.17
C SER G 184 -38.78 -27.17 -12.37
N PRO G 185 -38.86 -25.84 -12.28
CA PRO G 185 -38.38 -25.01 -13.40
C PRO G 185 -36.88 -25.17 -13.63
N GLN G 186 -36.48 -24.98 -14.88
CA GLN G 186 -35.09 -25.07 -15.27
C GLN G 186 -34.73 -23.88 -16.14
N LEU G 187 -33.57 -23.28 -15.86
CA LEU G 187 -33.14 -22.10 -16.60
C LEU G 187 -32.81 -22.48 -18.04
N LEU G 188 -33.25 -21.64 -18.99
CA LEU G 188 -32.94 -21.82 -20.40
C LEU G 188 -32.11 -20.69 -20.97
N ILE G 189 -32.52 -19.45 -20.76
CA ILE G 189 -31.81 -18.27 -21.25
C ILE G 189 -31.62 -17.32 -20.08
N TYR G 190 -30.39 -16.82 -19.91
CA TYR G 190 -30.10 -15.82 -18.89
C TYR G 190 -29.58 -14.55 -19.56
N ARG G 191 -30.06 -13.41 -19.07
CA ARG G 191 -29.75 -12.10 -19.64
C ARG G 191 -30.20 -11.99 -21.10
N MET G 192 -31.28 -12.70 -21.44
CA MET G 192 -32.08 -12.48 -22.63
C MET G 192 -31.41 -12.91 -23.94
N SER G 193 -30.13 -13.25 -23.90
CA SER G 193 -29.46 -13.74 -25.11
C SER G 193 -28.52 -14.90 -24.88
N ASN G 194 -28.14 -15.22 -23.64
CA ASN G 194 -27.13 -16.23 -23.38
C ASN G 194 -27.81 -17.56 -23.07
N LEU G 195 -27.35 -18.62 -23.74
CA LEU G 195 -27.91 -19.95 -23.51
C LEU G 195 -27.25 -20.58 -22.29
N ALA G 196 -28.06 -21.26 -21.48
CA ALA G 196 -27.56 -21.87 -20.26
C ALA G 196 -26.75 -23.12 -20.57
N SER G 197 -26.33 -23.82 -19.52
CA SER G 197 -25.52 -25.02 -19.67
C SER G 197 -26.42 -26.25 -19.75
N GLY G 198 -26.25 -27.03 -20.80
CA GLY G 198 -27.04 -28.23 -21.00
C GLY G 198 -28.31 -28.03 -21.80
N VAL G 199 -28.67 -26.78 -22.10
CA VAL G 199 -29.86 -26.49 -22.90
C VAL G 199 -29.55 -26.75 -24.36
N PRO G 200 -30.43 -27.41 -25.10
CA PRO G 200 -30.19 -27.63 -26.53
C PRO G 200 -30.17 -26.32 -27.30
N ASP G 201 -29.48 -26.32 -28.44
CA ASP G 201 -29.33 -25.14 -29.27
C ASP G 201 -30.65 -24.72 -29.90
N ARG G 202 -31.68 -25.56 -29.82
CA ARG G 202 -32.97 -25.23 -30.43
C ARG G 202 -33.61 -23.99 -29.83
N PHE G 203 -33.18 -23.57 -28.65
CA PHE G 203 -33.74 -22.39 -27.99
C PHE G 203 -32.89 -21.16 -28.27
N SER G 204 -33.56 -20.04 -28.55
CA SER G 204 -32.90 -18.78 -28.82
C SER G 204 -33.63 -17.67 -28.07
N GLY G 205 -32.90 -16.61 -27.78
CA GLY G 205 -33.47 -15.46 -27.08
C GLY G 205 -33.09 -14.16 -27.75
N SER G 206 -34.03 -13.22 -27.75
CA SER G 206 -33.81 -11.90 -28.32
C SER G 206 -34.77 -10.92 -27.66
N GLY G 207 -34.41 -9.64 -27.74
CA GLY G 207 -35.25 -8.61 -27.15
C GLY G 207 -34.59 -7.26 -27.30
N SER G 208 -35.38 -6.21 -27.04
CA SER G 208 -34.90 -4.85 -27.19
C SER G 208 -35.58 -3.98 -26.14
N GLY G 209 -34.91 -3.80 -25.01
CA GLY G 209 -35.36 -2.87 -23.99
C GLY G 209 -36.56 -3.34 -23.18
N THR G 210 -37.73 -3.41 -23.81
CA THR G 210 -38.96 -3.75 -23.11
C THR G 210 -39.69 -4.94 -23.68
N ALA G 211 -39.54 -5.25 -24.97
CA ALA G 211 -40.20 -6.38 -25.59
C ALA G 211 -39.17 -7.48 -25.82
N PHE G 212 -39.46 -8.67 -25.31
CA PHE G 212 -38.53 -9.80 -25.37
C PHE G 212 -39.24 -11.00 -26.00
N THR G 213 -38.46 -11.84 -26.67
CA THR G 213 -39.00 -12.97 -27.40
C THR G 213 -38.08 -14.18 -27.27
N LEU G 214 -38.67 -15.34 -27.02
CA LEU G 214 -37.96 -16.61 -26.99
C LEU G 214 -38.46 -17.48 -28.13
N THR G 215 -37.55 -17.96 -28.96
CA THR G 215 -37.89 -18.74 -30.14
C THR G 215 -37.42 -20.17 -29.98
N ILE G 216 -38.32 -21.12 -30.18
CA ILE G 216 -38.02 -22.54 -30.14
C ILE G 216 -38.12 -23.08 -31.56
N SER G 217 -37.06 -23.70 -32.04
CA SER G 217 -37.01 -24.27 -33.39
C SER G 217 -36.94 -25.78 -33.30
N ARG G 218 -37.66 -26.45 -34.20
CA ARG G 218 -37.76 -27.91 -34.22
C ARG G 218 -38.23 -28.44 -32.86
N LEU G 219 -39.45 -28.06 -32.51
CA LEU G 219 -40.03 -28.43 -31.22
C LEU G 219 -40.12 -29.95 -31.09
N GLU G 220 -39.75 -30.45 -29.92
CA GLU G 220 -39.78 -31.88 -29.62
C GLU G 220 -40.85 -32.16 -28.57
N ALA G 221 -40.95 -33.44 -28.20
CA ALA G 221 -41.93 -33.85 -27.20
C ALA G 221 -41.52 -33.46 -25.78
N GLU G 222 -40.22 -33.30 -25.52
CA GLU G 222 -39.74 -32.97 -24.19
C GLU G 222 -39.67 -31.46 -23.95
N ASP G 223 -39.96 -30.64 -24.96
CA ASP G 223 -39.92 -29.19 -24.82
C ASP G 223 -41.27 -28.61 -24.44
N VAL G 224 -42.27 -29.43 -24.19
CA VAL G 224 -43.59 -28.96 -23.80
C VAL G 224 -43.56 -28.55 -22.33
N GLY G 225 -44.36 -27.55 -21.99
CA GLY G 225 -44.42 -27.07 -20.62
C GLY G 225 -44.84 -25.61 -20.58
N VAL G 226 -44.52 -24.96 -19.47
CA VAL G 226 -44.87 -23.58 -19.22
C VAL G 226 -43.60 -22.75 -19.15
N TYR G 227 -43.61 -21.59 -19.78
CA TYR G 227 -42.45 -20.71 -19.88
C TYR G 227 -42.70 -19.43 -19.11
N TYR G 228 -41.75 -19.06 -18.25
CA TYR G 228 -41.86 -17.87 -17.42
C TYR G 228 -40.69 -16.94 -17.72
N CYS G 229 -41.00 -15.65 -17.86
CA CYS G 229 -39.99 -14.61 -18.04
C CYS G 229 -39.81 -13.86 -16.74
N MET G 230 -38.56 -13.71 -16.31
CA MET G 230 -38.23 -13.08 -15.04
C MET G 230 -37.23 -11.96 -15.27
N GLN G 231 -37.28 -10.95 -14.40
CA GLN G 231 -36.37 -9.82 -14.46
C GLN G 231 -35.46 -9.82 -13.24
N HIS G 232 -34.20 -9.42 -13.45
CA HIS G 232 -33.23 -9.31 -12.38
C HIS G 232 -32.64 -7.90 -12.32
N LEU G 233 -33.38 -6.91 -12.82
CA LEU G 233 -32.88 -5.54 -12.79
C LEU G 233 -32.93 -4.95 -11.39
N GLU G 234 -33.98 -5.24 -10.63
CA GLU G 234 -34.11 -4.71 -9.29
C GLU G 234 -35.09 -5.57 -8.51
N TYR G 235 -34.81 -5.73 -7.20
CA TYR G 235 -35.67 -6.55 -6.31
C TYR G 235 -36.89 -5.76 -5.89
N PRO G 236 -38.11 -6.31 -5.87
CA PRO G 236 -38.35 -7.76 -5.93
C PRO G 236 -38.37 -8.29 -7.37
N LEU G 237 -37.88 -9.49 -7.60
CA LEU G 237 -37.90 -10.05 -8.94
C LEU G 237 -39.31 -10.51 -9.30
N THR G 238 -39.78 -10.08 -10.46
CA THR G 238 -41.15 -10.32 -10.89
C THR G 238 -41.17 -11.30 -12.05
N PHE G 239 -41.99 -12.34 -11.93
CA PHE G 239 -42.13 -13.35 -12.96
C PHE G 239 -43.27 -12.99 -13.91
N GLY G 240 -43.24 -13.59 -15.09
CA GLY G 240 -44.31 -13.41 -16.04
C GLY G 240 -45.54 -14.22 -15.66
N ALA G 241 -46.62 -13.96 -16.40
CA ALA G 241 -47.87 -14.66 -16.13
C ALA G 241 -47.73 -16.16 -16.36
N GLY G 242 -47.03 -16.54 -17.42
CA GLY G 242 -46.81 -17.94 -17.71
C GLY G 242 -47.51 -18.42 -18.95
N THR G 243 -46.76 -18.57 -20.04
CA THR G 243 -47.31 -19.06 -21.30
C THR G 243 -47.20 -20.58 -21.32
N LYS G 244 -48.33 -21.25 -21.46
CA LYS G 244 -48.39 -22.71 -21.45
C LYS G 244 -48.47 -23.23 -22.88
N LEU G 245 -47.39 -23.87 -23.33
CA LEU G 245 -47.36 -24.52 -24.63
C LEU G 245 -47.87 -25.94 -24.49
N GLU G 246 -48.75 -26.35 -25.39
CA GLU G 246 -49.37 -27.66 -25.34
C GLU G 246 -49.20 -28.37 -26.67
N LEU G 247 -49.14 -29.70 -26.62
CA LEU G 247 -49.01 -30.50 -27.82
C LEU G 247 -50.30 -30.47 -28.64
N LYS G 248 -50.15 -30.35 -29.95
CA LYS G 248 -51.28 -30.32 -30.88
C LYS G 248 -52.28 -29.22 -30.52
#